data_2KN0
#
_entry.id   2KN0
#
_entity_poly.entity_id   1
_entity_poly.type   'polypeptide(L)'
_entity_poly.pdbx_seq_one_letter_code
;SQGECPEGRAYSQDLGKCMECSVCKNSEKSDFCQNCPSKTEQPDFPWIWVEQKLISEEDLHHHHHH
;
_entity_poly.pdbx_strand_id   A
#
# COMPACT_ATOMS: atom_id res chain seq x y z
N SER A 1 1.89 -16.98 -1.80
CA SER A 1 0.94 -15.84 -1.76
C SER A 1 1.44 -14.68 -2.62
N GLN A 2 0.52 -13.98 -3.26
CA GLN A 2 0.86 -12.85 -4.11
C GLN A 2 0.68 -11.53 -3.36
N GLY A 3 0.87 -11.59 -2.05
CA GLY A 3 0.72 -10.38 -1.24
C GLY A 3 2.02 -9.98 -0.57
N GLU A 4 3.12 -10.08 -1.32
CA GLU A 4 4.45 -9.72 -0.80
C GLU A 4 4.91 -8.41 -1.41
N CYS A 5 3.98 -7.51 -1.64
CA CYS A 5 4.29 -6.21 -2.23
C CYS A 5 5.01 -5.32 -1.21
N PRO A 6 6.21 -4.79 -1.55
CA PRO A 6 6.99 -3.94 -0.65
C PRO A 6 6.28 -2.62 -0.34
N GLU A 7 6.95 -1.79 0.48
CA GLU A 7 6.40 -0.49 0.86
C GLU A 7 6.31 0.43 -0.35
N GLY A 8 5.86 1.67 -0.10
CA GLY A 8 5.72 2.64 -1.16
C GLY A 8 4.99 2.07 -2.36
N ARG A 9 4.04 1.18 -2.09
CA ARG A 9 3.27 0.54 -3.14
C ARG A 9 2.05 -0.18 -2.55
N ALA A 10 1.18 -0.69 -3.43
CA ALA A 10 0.00 -1.41 -2.98
C ALA A 10 -0.45 -2.45 -4.00
N TYR A 11 -1.35 -3.34 -3.57
CA TYR A 11 -1.89 -4.38 -4.44
C TYR A 11 -3.41 -4.33 -4.43
N SER A 12 -4.01 -4.21 -5.61
CA SER A 12 -5.46 -4.14 -5.72
C SER A 12 -6.07 -5.50 -6.03
N GLN A 13 -6.78 -6.07 -5.06
CA GLN A 13 -7.41 -7.37 -5.25
C GLN A 13 -8.47 -7.31 -6.34
N ASP A 14 -9.08 -6.14 -6.48
CA ASP A 14 -10.11 -5.93 -7.48
C ASP A 14 -9.52 -6.07 -8.89
N LEU A 15 -8.48 -5.29 -9.16
CA LEU A 15 -7.81 -5.33 -10.45
C LEU A 15 -7.01 -6.62 -10.61
N GLY A 16 -6.61 -7.19 -9.48
CA GLY A 16 -5.83 -8.41 -9.51
C GLY A 16 -4.40 -8.18 -9.96
N LYS A 17 -3.74 -7.19 -9.36
CA LYS A 17 -2.36 -6.87 -9.70
C LYS A 17 -1.80 -5.82 -8.75
N CYS A 18 -0.49 -5.83 -8.57
CA CYS A 18 0.16 -4.87 -7.68
C CYS A 18 0.60 -3.63 -8.44
N MET A 19 0.50 -2.49 -7.76
CA MET A 19 0.89 -1.21 -8.34
C MET A 19 1.74 -0.44 -7.35
N GLU A 20 1.83 0.87 -7.51
CA GLU A 20 2.63 1.69 -6.62
C GLU A 20 1.75 2.47 -5.64
N CYS A 21 2.38 2.97 -4.60
CA CYS A 21 1.69 3.75 -3.58
C CYS A 21 1.74 5.23 -3.93
N SER A 22 2.79 5.62 -4.66
CA SER A 22 2.93 7.01 -5.08
C SER A 22 1.68 7.44 -5.85
N VAL A 23 0.96 6.46 -6.40
CA VAL A 23 -0.26 6.74 -7.16
C VAL A 23 -1.34 7.32 -6.24
N CYS A 24 -1.35 6.86 -5.00
CA CYS A 24 -2.32 7.33 -4.03
C CYS A 24 -2.00 8.74 -3.56
N LYS A 25 -2.29 9.72 -4.41
CA LYS A 25 -2.02 11.11 -4.09
C LYS A 25 -3.32 11.91 -3.95
N ASN A 26 -3.90 12.29 -5.09
CA ASN A 26 -5.15 13.06 -5.08
C ASN A 26 -6.32 12.21 -5.57
N SER A 27 -6.32 11.90 -6.86
CA SER A 27 -7.39 11.09 -7.45
C SER A 27 -7.55 9.77 -6.70
N GLU A 28 -8.60 9.67 -5.90
CA GLU A 28 -8.86 8.47 -5.13
C GLU A 28 -9.86 7.57 -5.86
N LYS A 29 -9.37 6.43 -6.34
CA LYS A 29 -10.21 5.47 -7.05
C LYS A 29 -9.57 4.10 -7.06
N SER A 30 -8.96 3.73 -5.94
CA SER A 30 -8.29 2.44 -5.79
C SER A 30 -8.42 1.90 -4.38
N ASP A 31 -8.83 0.65 -4.26
CA ASP A 31 -8.99 0.01 -2.96
C ASP A 31 -7.69 -0.66 -2.53
N PHE A 32 -6.60 -0.35 -3.23
CA PHE A 32 -5.30 -0.94 -2.93
C PHE A 32 -4.45 -0.03 -2.06
N CYS A 33 -4.82 1.24 -1.98
CA CYS A 33 -4.07 2.18 -1.15
C CYS A 33 -4.06 1.73 0.30
N GLN A 34 -4.72 0.60 0.58
CA GLN A 34 -4.74 0.06 1.93
C GLN A 34 -3.60 -0.91 2.13
N ASN A 35 -2.98 -1.30 1.02
CA ASN A 35 -1.85 -2.22 1.09
C ASN A 35 -0.60 -1.46 1.51
N CYS A 36 -0.44 -0.29 0.91
CA CYS A 36 0.69 0.59 1.19
C CYS A 36 0.94 0.69 2.69
N PRO A 37 1.94 -0.03 3.21
CA PRO A 37 2.28 -0.02 4.63
C PRO A 37 3.24 1.11 5.00
N SER A 38 3.25 1.47 6.28
CA SER A 38 4.12 2.53 6.76
C SER A 38 4.93 2.07 7.98
N LYS A 39 5.22 0.76 8.02
CA LYS A 39 5.97 0.20 9.13
C LYS A 39 7.35 0.85 9.25
N THR A 40 8.15 0.35 10.18
CA THR A 40 9.50 0.89 10.40
C THR A 40 9.43 2.31 10.95
N GLU A 41 9.25 2.42 12.27
CA GLU A 41 9.17 3.70 12.93
C GLU A 41 10.46 4.49 12.75
N GLN A 42 10.34 5.70 12.22
CA GLN A 42 11.51 6.55 11.99
C GLN A 42 12.07 7.09 13.32
N PRO A 43 11.19 7.61 14.19
CA PRO A 43 11.58 8.15 15.49
C PRO A 43 12.02 7.06 16.46
N ASP A 44 13.25 6.59 16.29
CA ASP A 44 13.79 5.54 17.14
C ASP A 44 15.32 5.49 17.04
N PHE A 45 15.97 6.58 17.44
CA PHE A 45 17.43 6.65 17.40
C PHE A 45 17.97 7.43 18.61
N PRO A 46 18.33 6.72 19.69
CA PRO A 46 18.86 7.36 20.90
C PRO A 46 19.98 8.34 20.59
N TRP A 47 20.42 9.07 21.63
CA TRP A 47 21.49 10.05 21.47
C TRP A 47 21.08 11.15 20.49
N ILE A 48 21.67 12.33 20.65
CA ILE A 48 21.37 13.46 19.78
C ILE A 48 22.55 13.80 18.89
N TRP A 49 23.18 12.77 18.33
CA TRP A 49 24.33 12.96 17.46
C TRP A 49 23.93 12.80 16.00
N VAL A 50 24.70 13.43 15.10
CA VAL A 50 24.43 13.37 13.66
C VAL A 50 22.93 13.53 13.36
N SER A 1 2.90 -17.82 0.14
CA SER A 1 2.30 -16.46 0.33
C SER A 1 1.93 -15.84 -1.00
N GLN A 2 1.01 -14.88 -0.97
CA GLN A 2 0.56 -14.20 -2.18
C GLN A 2 0.52 -12.69 -1.97
N GLY A 3 1.42 -12.19 -1.12
CA GLY A 3 1.47 -10.77 -0.84
C GLY A 3 2.87 -10.28 -0.52
N GLU A 4 3.66 -10.04 -1.57
CA GLU A 4 5.03 -9.58 -1.41
C GLU A 4 5.17 -8.14 -1.90
N CYS A 5 4.14 -7.34 -1.66
CA CYS A 5 4.15 -5.95 -2.07
C CYS A 5 4.52 -5.03 -0.90
N PRO A 6 5.82 -4.72 -0.73
CA PRO A 6 6.29 -3.86 0.35
C PRO A 6 5.69 -2.46 0.30
N GLU A 7 6.27 -1.53 1.05
CA GLU A 7 5.80 -0.16 1.09
C GLU A 7 5.98 0.52 -0.27
N GLY A 8 5.60 1.79 -0.32
CA GLY A 8 5.72 2.55 -1.56
C GLY A 8 4.99 1.91 -2.71
N ARG A 9 4.03 1.03 -2.39
CA ARG A 9 3.26 0.34 -3.41
C ARG A 9 2.03 -0.32 -2.80
N ALA A 10 1.14 -0.81 -3.66
CA ALA A 10 -0.06 -1.49 -3.18
C ALA A 10 -0.56 -2.54 -4.17
N TYR A 11 -1.35 -3.50 -3.67
CA TYR A 11 -1.91 -4.56 -4.51
C TYR A 11 -3.43 -4.48 -4.51
N SER A 12 -4.01 -4.34 -5.69
CA SER A 12 -5.46 -4.23 -5.82
C SER A 12 -6.09 -5.57 -6.17
N GLN A 13 -6.79 -6.15 -5.21
CA GLN A 13 -7.46 -7.43 -5.41
C GLN A 13 -8.54 -7.32 -6.47
N ASP A 14 -9.07 -6.11 -6.64
CA ASP A 14 -10.11 -5.86 -7.63
C ASP A 14 -9.58 -6.11 -9.04
N LEU A 15 -8.51 -5.40 -9.40
CA LEU A 15 -7.90 -5.55 -10.70
C LEU A 15 -7.11 -6.85 -10.79
N GLY A 16 -6.65 -7.32 -9.63
CA GLY A 16 -5.88 -8.56 -9.59
C GLY A 16 -4.44 -8.36 -9.99
N LYS A 17 -3.77 -7.38 -9.37
CA LYS A 17 -2.37 -7.11 -9.66
C LYS A 17 -1.82 -6.04 -8.74
N CYS A 18 -0.49 -6.00 -8.61
CA CYS A 18 0.15 -5.01 -7.74
C CYS A 18 0.66 -3.83 -8.53
N MET A 19 0.50 -2.65 -7.94
CA MET A 19 0.94 -1.41 -8.56
C MET A 19 1.55 -0.51 -7.47
N GLU A 20 2.21 0.55 -7.88
CA GLU A 20 2.82 1.47 -6.94
C GLU A 20 1.80 2.11 -6.03
N CYS A 21 2.30 2.70 -4.96
CA CYS A 21 1.47 3.39 -3.98
C CYS A 21 1.43 4.87 -4.29
N SER A 22 2.50 5.38 -4.90
CA SER A 22 2.57 6.79 -5.26
C SER A 22 1.39 7.15 -6.15
N VAL A 23 0.77 6.15 -6.77
CA VAL A 23 -0.38 6.38 -7.64
C VAL A 23 -1.40 7.30 -6.98
N CYS A 24 -1.50 7.19 -5.65
CA CYS A 24 -2.43 8.00 -4.89
C CYS A 24 -1.70 8.80 -3.82
N LYS A 25 -2.39 9.80 -3.28
CA LYS A 25 -1.81 10.65 -2.24
C LYS A 25 -2.59 10.53 -0.94
N ASN A 26 -2.02 9.79 0.02
CA ASN A 26 -2.65 9.61 1.31
C ASN A 26 -4.03 8.98 1.16
N SER A 27 -4.17 8.07 0.19
CA SER A 27 -5.43 7.39 -0.06
C SER A 27 -6.50 8.39 -0.49
N GLU A 28 -7.14 8.11 -1.63
CA GLU A 28 -8.17 8.98 -2.16
C GLU A 28 -9.33 8.15 -2.73
N LYS A 29 -9.14 7.64 -3.94
CA LYS A 29 -10.16 6.82 -4.59
C LYS A 29 -9.58 5.48 -5.02
N SER A 30 -8.66 4.96 -4.21
CA SER A 30 -8.02 3.68 -4.50
C SER A 30 -8.42 2.64 -3.46
N ASP A 31 -8.48 1.38 -3.89
CA ASP A 31 -8.85 0.28 -3.00
C ASP A 31 -7.62 -0.46 -2.49
N PHE A 32 -6.51 -0.31 -3.20
CA PHE A 32 -5.27 -0.99 -2.82
C PHE A 32 -4.31 -0.08 -2.09
N CYS A 33 -4.54 1.22 -2.11
CA CYS A 33 -3.66 2.13 -1.40
C CYS A 33 -3.61 1.78 0.08
N GLN A 34 -4.41 0.79 0.49
CA GLN A 34 -4.41 0.35 1.87
C GLN A 34 -3.27 -0.63 2.09
N ASN A 35 -2.77 -1.17 0.99
CA ASN A 35 -1.67 -2.13 1.04
C ASN A 35 -0.39 -1.41 1.43
N CYS A 36 -0.19 -0.24 0.83
CA CYS A 36 0.97 0.61 1.08
C CYS A 36 1.61 0.35 2.45
N PRO A 37 0.83 0.52 3.54
CA PRO A 37 1.35 0.29 4.91
C PRO A 37 1.83 -1.13 5.11
N SER A 38 2.87 -1.28 5.93
CA SER A 38 3.44 -2.60 6.21
C SER A 38 2.76 -3.24 7.41
N LYS A 39 2.05 -2.44 8.20
CA LYS A 39 1.35 -2.93 9.38
C LYS A 39 2.35 -3.40 10.45
N THR A 40 2.12 -2.97 11.69
CA THR A 40 2.99 -3.35 12.79
C THR A 40 2.22 -3.38 14.11
N GLU A 41 2.75 -4.12 15.08
CA GLU A 41 2.11 -4.24 16.38
C GLU A 41 0.72 -4.85 16.27
N GLN A 42 0.67 -6.11 15.87
CA GLN A 42 -0.60 -6.82 15.70
C GLN A 42 -1.04 -7.47 17.02
N PRO A 43 -0.15 -8.25 17.65
CA PRO A 43 -0.45 -8.93 18.91
C PRO A 43 -0.80 -7.96 20.02
N ASP A 44 -1.30 -8.47 21.14
CA ASP A 44 -1.68 -7.65 22.28
C ASP A 44 -1.73 -8.46 23.56
N PHE A 45 -0.80 -9.40 23.69
CA PHE A 45 -0.72 -10.25 24.87
C PHE A 45 0.56 -10.01 25.66
N PRO A 46 1.73 -10.28 25.05
CA PRO A 46 3.02 -10.09 25.70
C PRO A 46 3.54 -8.66 25.53
N TRP A 47 2.85 -7.70 26.14
CA TRP A 47 3.25 -6.31 26.06
C TRP A 47 3.34 -5.68 27.45
N ILE A 48 4.32 -4.80 27.64
CA ILE A 48 4.52 -4.14 28.92
C ILE A 48 3.87 -2.76 28.92
N TRP A 49 3.51 -2.28 30.12
CA TRP A 49 2.88 -0.98 30.25
C TRP A 49 3.91 0.15 30.15
N VAL A 50 3.75 1.00 29.15
CA VAL A 50 4.68 2.11 28.94
C VAL A 50 4.41 3.24 29.93
N SER A 1 6.21 -12.26 -8.92
CA SER A 1 5.77 -12.02 -7.52
C SER A 1 6.70 -12.72 -6.53
N GLN A 2 7.72 -11.99 -6.06
CA GLN A 2 8.68 -12.54 -5.12
C GLN A 2 8.15 -12.41 -3.69
N GLY A 3 7.55 -11.27 -3.39
CA GLY A 3 7.01 -11.04 -2.06
C GLY A 3 5.53 -10.68 -2.08
N GLU A 4 5.09 -9.93 -1.09
CA GLU A 4 3.70 -9.53 -1.00
C GLU A 4 3.55 -8.03 -1.20
N CYS A 5 4.34 -7.48 -2.11
CA CYS A 5 4.30 -6.05 -2.41
C CYS A 5 4.63 -5.24 -1.15
N PRO A 6 5.92 -4.87 -0.96
CA PRO A 6 6.35 -4.10 0.20
C PRO A 6 5.79 -2.68 0.23
N GLU A 7 6.34 -1.84 1.09
CA GLU A 7 5.89 -0.46 1.22
C GLU A 7 6.11 0.30 -0.09
N GLY A 8 5.79 1.60 -0.07
CA GLY A 8 5.94 2.43 -1.25
C GLY A 8 5.22 1.86 -2.46
N ARG A 9 4.25 1.00 -2.21
CA ARG A 9 3.48 0.37 -3.27
C ARG A 9 2.23 -0.31 -2.72
N ALA A 10 1.35 -0.77 -3.60
CA ALA A 10 0.15 -1.47 -3.17
C ALA A 10 -0.29 -2.52 -4.18
N TYR A 11 -1.15 -3.44 -3.74
CA TYR A 11 -1.66 -4.51 -4.59
C TYR A 11 -3.18 -4.58 -4.51
N SER A 12 -3.85 -4.36 -5.64
CA SER A 12 -5.31 -4.39 -5.69
C SER A 12 -5.81 -5.81 -5.91
N GLN A 13 -6.25 -6.44 -4.84
CA GLN A 13 -6.76 -7.81 -4.92
C GLN A 13 -7.96 -7.89 -5.85
N ASP A 14 -8.67 -6.78 -5.98
CA ASP A 14 -9.85 -6.72 -6.85
C ASP A 14 -9.44 -6.94 -8.30
N LEU A 15 -8.53 -6.10 -8.78
CA LEU A 15 -8.04 -6.20 -10.15
C LEU A 15 -7.04 -7.34 -10.29
N GLY A 16 -6.40 -7.70 -9.19
CA GLY A 16 -5.41 -8.76 -9.22
C GLY A 16 -4.09 -8.32 -9.81
N LYS A 17 -3.58 -7.19 -9.34
CA LYS A 17 -2.32 -6.67 -9.83
C LYS A 17 -1.69 -5.70 -8.83
N CYS A 18 -0.37 -5.58 -8.86
CA CYS A 18 0.33 -4.68 -7.94
C CYS A 18 0.84 -3.45 -8.66
N MET A 19 0.77 -2.32 -7.97
CA MET A 19 1.22 -1.05 -8.49
C MET A 19 1.86 -0.25 -7.37
N GLU A 20 2.56 0.82 -7.72
CA GLU A 20 3.23 1.65 -6.73
C GLU A 20 2.23 2.37 -5.83
N CYS A 21 2.75 2.86 -4.73
CA CYS A 21 1.96 3.60 -3.76
C CYS A 21 1.94 5.08 -4.11
N SER A 22 3.01 5.54 -4.76
CA SER A 22 3.09 6.92 -5.18
C SER A 22 1.92 7.27 -6.10
N VAL A 23 1.30 6.24 -6.66
CA VAL A 23 0.16 6.43 -7.56
C VAL A 23 -0.93 7.26 -6.89
N CYS A 24 -1.24 6.89 -5.66
CA CYS A 24 -2.25 7.59 -4.88
C CYS A 24 -1.64 8.26 -3.66
N LYS A 25 -2.34 9.26 -3.13
CA LYS A 25 -1.87 9.98 -1.95
C LYS A 25 -2.97 10.11 -0.92
N ASN A 26 -4.10 10.68 -1.32
CA ASN A 26 -5.24 10.86 -0.43
C ASN A 26 -6.52 11.10 -1.22
N SER A 27 -7.60 10.47 -0.78
CA SER A 27 -8.90 10.60 -1.45
C SER A 27 -8.81 10.12 -2.90
N GLU A 28 -9.28 8.89 -3.12
CA GLU A 28 -9.25 8.29 -4.46
C GLU A 28 -10.09 7.03 -4.50
N LYS A 29 -10.37 6.55 -5.70
CA LYS A 29 -11.18 5.34 -5.88
C LYS A 29 -10.28 4.11 -5.98
N SER A 30 -9.28 4.04 -5.12
CA SER A 30 -8.35 2.91 -5.11
C SER A 30 -8.58 2.04 -3.88
N ASP A 31 -8.57 0.73 -4.08
CA ASP A 31 -8.79 -0.21 -2.98
C ASP A 31 -7.48 -0.89 -2.57
N PHE A 32 -6.40 -0.58 -3.27
CA PHE A 32 -5.10 -1.17 -2.96
C PHE A 32 -4.20 -0.24 -2.16
N CYS A 33 -4.55 1.04 -2.11
CA CYS A 33 -3.77 1.99 -1.34
C CYS A 33 -3.69 1.55 0.13
N GLN A 34 -4.42 0.49 0.46
CA GLN A 34 -4.41 -0.04 1.81
C GLN A 34 -3.23 -0.96 2.01
N ASN A 35 -2.64 -1.39 0.89
CA ASN A 35 -1.49 -2.27 0.93
C ASN A 35 -0.24 -1.48 1.28
N CYS A 36 -0.14 -0.30 0.70
CA CYS A 36 0.99 0.61 0.92
C CYS A 36 1.41 0.63 2.40
N PRO A 37 0.48 0.93 3.33
CA PRO A 37 0.79 0.96 4.76
C PRO A 37 0.90 -0.44 5.35
N SER A 38 2.12 -0.97 5.37
CA SER A 38 2.35 -2.31 5.91
C SER A 38 1.98 -2.38 7.39
N LYS A 39 1.91 -3.60 7.92
CA LYS A 39 1.57 -3.81 9.33
C LYS A 39 0.14 -3.38 9.61
N THR A 40 -0.40 -3.87 10.73
CA THR A 40 -1.76 -3.53 11.13
C THR A 40 -2.01 -3.91 12.58
N GLU A 41 -2.92 -3.19 13.23
CA GLU A 41 -3.25 -3.46 14.63
C GLU A 41 -4.36 -2.53 15.11
N GLN A 42 -4.79 -2.73 16.35
CA GLN A 42 -5.86 -1.91 16.94
C GLN A 42 -5.35 -0.49 17.19
N PRO A 43 -6.06 0.53 16.67
CA PRO A 43 -5.69 1.93 16.84
C PRO A 43 -6.18 2.53 18.15
N ASP A 44 -5.96 1.80 19.25
CA ASP A 44 -6.38 2.26 20.57
C ASP A 44 -7.88 2.60 20.58
N PHE A 45 -8.67 1.77 19.92
CA PHE A 45 -10.12 1.98 19.85
C PHE A 45 -10.75 1.91 21.24
N PRO A 46 -10.37 0.90 22.05
CA PRO A 46 -10.91 0.72 23.40
C PRO A 46 -10.26 1.65 24.41
N TRP A 47 -10.35 2.96 24.14
CA TRP A 47 -9.77 3.97 25.03
C TRP A 47 -10.58 5.26 24.98
N ILE A 48 -9.99 6.33 25.50
CA ILE A 48 -10.63 7.63 25.51
C ILE A 48 -10.86 8.14 24.09
N TRP A 49 -12.04 8.74 23.86
CA TRP A 49 -12.37 9.27 22.55
C TRP A 49 -11.47 10.44 22.18
N VAL A 50 -10.68 10.26 21.14
CA VAL A 50 -9.76 11.30 20.68
C VAL A 50 -10.39 12.15 19.59
N SER A 1 10.75 -16.79 -2.09
CA SER A 1 9.80 -17.61 -1.29
C SER A 1 8.73 -16.74 -0.65
N GLN A 2 9.17 -15.79 0.18
CA GLN A 2 8.25 -14.89 0.86
C GLN A 2 8.29 -13.49 0.25
N GLY A 3 7.21 -13.10 -0.40
CA GLY A 3 7.15 -11.79 -1.02
C GLY A 3 5.72 -11.27 -1.13
N GLU A 4 5.49 -10.06 -0.62
CA GLU A 4 4.17 -9.45 -0.66
C GLU A 4 4.26 -7.99 -1.09
N CYS A 5 5.10 -7.72 -2.09
CA CYS A 5 5.28 -6.36 -2.60
C CYS A 5 5.85 -5.44 -1.51
N PRO A 6 6.93 -4.69 -1.84
CA PRO A 6 7.57 -3.78 -0.88
C PRO A 6 6.65 -2.66 -0.41
N GLU A 7 7.24 -1.64 0.22
CA GLU A 7 6.50 -0.50 0.75
C GLU A 7 6.11 0.48 -0.36
N GLY A 8 5.44 1.56 0.05
CA GLY A 8 5.00 2.58 -0.89
C GLY A 8 4.22 2.02 -2.06
N ARG A 9 3.64 0.84 -1.86
CA ARG A 9 2.88 0.17 -2.91
C ARG A 9 1.86 -0.79 -2.32
N ALA A 10 1.11 -1.45 -3.20
CA ALA A 10 0.12 -2.41 -2.75
C ALA A 10 -0.47 -3.20 -3.91
N TYR A 11 -1.39 -4.11 -3.58
CA TYR A 11 -2.05 -4.94 -4.59
C TYR A 11 -3.56 -4.74 -4.54
N SER A 12 -4.14 -4.34 -5.67
CA SER A 12 -5.58 -4.12 -5.74
C SER A 12 -6.30 -5.34 -6.29
N GLN A 13 -7.14 -5.93 -5.46
CA GLN A 13 -7.91 -7.11 -5.88
C GLN A 13 -8.85 -6.76 -7.02
N ASP A 14 -9.28 -5.52 -7.06
CA ASP A 14 -10.18 -5.06 -8.11
C ASP A 14 -9.54 -5.20 -9.48
N LEU A 15 -8.31 -4.71 -9.61
CA LEU A 15 -7.58 -4.79 -10.86
C LEU A 15 -6.88 -6.14 -11.00
N GLY A 16 -6.56 -6.75 -9.87
CA GLY A 16 -5.90 -8.04 -9.89
C GLY A 16 -4.43 -7.94 -10.25
N LYS A 17 -3.69 -7.11 -9.52
CA LYS A 17 -2.26 -6.92 -9.78
C LYS A 17 -1.64 -5.97 -8.76
N CYS A 18 -0.33 -6.10 -8.57
CA CYS A 18 0.38 -5.25 -7.63
C CYS A 18 0.85 -3.96 -8.30
N MET A 19 0.65 -2.84 -7.61
CA MET A 19 1.04 -1.54 -8.14
C MET A 19 1.54 -0.66 -6.98
N GLU A 20 2.22 0.43 -7.31
CA GLU A 20 2.74 1.34 -6.30
C GLU A 20 1.62 2.06 -5.56
N CYS A 21 1.97 2.57 -4.40
CA CYS A 21 1.01 3.30 -3.56
C CYS A 21 1.08 4.79 -3.83
N SER A 22 2.27 5.27 -4.19
CA SER A 22 2.46 6.68 -4.49
C SER A 22 1.58 7.08 -5.68
N VAL A 23 1.08 6.09 -6.42
CA VAL A 23 0.25 6.35 -7.59
C VAL A 23 -1.02 7.09 -7.21
N CYS A 24 -1.69 6.58 -6.19
CA CYS A 24 -2.94 7.15 -5.72
C CYS A 24 -2.71 8.44 -4.94
N LYS A 25 -3.79 9.15 -4.64
CA LYS A 25 -3.72 10.40 -3.89
C LYS A 25 -4.93 10.54 -2.97
N ASN A 26 -4.90 11.55 -2.11
CA ASN A 26 -5.99 11.80 -1.18
C ASN A 26 -7.33 11.89 -1.91
N SER A 27 -7.28 12.35 -3.16
CA SER A 27 -8.49 12.48 -3.97
C SER A 27 -8.55 11.42 -5.05
N GLU A 28 -9.02 10.23 -4.68
CA GLU A 28 -9.13 9.12 -5.62
C GLU A 28 -10.05 8.02 -5.08
N LYS A 29 -10.08 6.89 -5.77
CA LYS A 29 -10.91 5.77 -5.36
C LYS A 29 -10.08 4.49 -5.24
N SER A 30 -8.87 4.62 -4.70
CA SER A 30 -7.98 3.48 -4.54
C SER A 30 -8.43 2.59 -3.39
N ASP A 31 -8.28 1.28 -3.57
CA ASP A 31 -8.67 0.32 -2.55
C ASP A 31 -7.47 -0.49 -2.05
N PHE A 32 -6.36 -0.42 -2.79
CA PHE A 32 -5.16 -1.15 -2.42
C PHE A 32 -4.13 -0.28 -1.75
N CYS A 33 -4.26 1.03 -1.86
CA CYS A 33 -3.32 1.92 -1.21
C CYS A 33 -3.35 1.74 0.30
N GLN A 34 -4.18 0.81 0.76
CA GLN A 34 -4.27 0.52 2.18
C GLN A 34 -3.27 -0.58 2.54
N ASN A 35 -2.77 -1.25 1.51
CA ASN A 35 -1.78 -2.31 1.72
C ASN A 35 -0.43 -1.69 2.02
N CYS A 36 -0.10 -0.64 1.28
CA CYS A 36 1.16 0.06 1.47
C CYS A 36 1.23 0.65 2.88
N PRO A 37 2.44 0.90 3.39
CA PRO A 37 2.63 1.45 4.74
C PRO A 37 1.86 2.76 4.94
N SER A 38 2.09 3.41 6.07
CA SER A 38 1.41 4.66 6.39
C SER A 38 2.38 5.67 6.98
N LYS A 39 1.94 6.93 7.08
CA LYS A 39 2.78 7.98 7.64
C LYS A 39 2.01 9.30 7.68
N THR A 40 2.01 9.93 8.85
CA THR A 40 1.31 11.20 9.03
C THR A 40 1.62 11.80 10.40
N GLU A 41 1.24 13.06 10.59
CA GLU A 41 1.48 13.75 11.85
C GLU A 41 0.23 13.72 12.73
N GLN A 42 0.29 14.38 13.87
CA GLN A 42 -0.83 14.43 14.80
C GLN A 42 -1.80 15.56 14.43
N PRO A 43 -3.12 15.28 14.43
CA PRO A 43 -4.13 16.28 14.11
C PRO A 43 -3.99 17.55 14.93
N ASP A 44 -3.94 18.69 14.26
CA ASP A 44 -3.81 19.97 14.92
C ASP A 44 -4.52 21.08 14.14
N PHE A 45 -5.70 20.74 13.60
CA PHE A 45 -6.47 21.70 12.82
C PHE A 45 -7.84 21.94 13.47
N PRO A 46 -8.43 23.12 13.23
CA PRO A 46 -9.75 23.47 13.79
C PRO A 46 -10.86 22.59 13.24
N TRP A 47 -11.52 21.85 14.13
CA TRP A 47 -12.60 20.94 13.74
C TRP A 47 -12.10 19.87 12.78
N ILE A 48 -12.19 18.62 13.22
CA ILE A 48 -11.75 17.49 12.42
C ILE A 48 -12.82 17.07 11.42
N TRP A 49 -12.42 16.35 10.38
CA TRP A 49 -13.34 15.88 9.35
C TRP A 49 -13.88 17.06 8.54
N VAL A 50 -13.17 17.39 7.46
CA VAL A 50 -13.55 18.49 6.58
C VAL A 50 -13.96 19.73 7.38
N SER A 1 7.01 -13.83 -3.68
CA SER A 1 5.91 -13.70 -2.69
C SER A 1 5.78 -12.28 -2.17
N GLN A 2 4.64 -11.97 -1.58
CA GLN A 2 4.38 -10.63 -1.03
C GLN A 2 4.26 -9.59 -2.14
N GLY A 3 4.16 -10.05 -3.38
CA GLY A 3 4.02 -9.15 -4.51
C GLY A 3 5.36 -8.60 -4.99
N GLU A 4 6.42 -8.86 -4.24
CA GLU A 4 7.75 -8.40 -4.61
C GLU A 4 7.74 -6.92 -4.98
N CYS A 5 6.94 -6.15 -4.25
CA CYS A 5 6.83 -4.71 -4.49
C CYS A 5 7.42 -3.92 -3.32
N PRO A 6 8.48 -3.12 -3.57
CA PRO A 6 9.12 -2.32 -2.52
C PRO A 6 8.13 -1.39 -1.83
N GLU A 7 8.63 -0.53 -0.94
CA GLU A 7 7.79 0.40 -0.22
C GLU A 7 6.97 1.25 -1.18
N GLY A 8 6.14 2.13 -0.62
CA GLY A 8 5.30 2.97 -1.45
C GLY A 8 4.56 2.15 -2.49
N ARG A 9 4.02 1.02 -2.05
CA ARG A 9 3.31 0.10 -2.93
C ARG A 9 1.90 -0.22 -2.42
N ALA A 10 1.20 -1.05 -3.18
CA ALA A 10 -0.14 -1.50 -2.82
C ALA A 10 -0.66 -2.48 -3.86
N TYR A 11 -1.48 -3.42 -3.41
CA TYR A 11 -2.06 -4.42 -4.30
C TYR A 11 -3.57 -4.30 -4.34
N SER A 12 -4.14 -4.34 -5.53
CA SER A 12 -5.59 -4.22 -5.70
C SER A 12 -6.19 -5.53 -6.15
N GLN A 13 -7.01 -6.14 -5.29
CA GLN A 13 -7.66 -7.41 -5.61
C GLN A 13 -8.58 -7.26 -6.80
N ASP A 14 -9.07 -6.05 -7.02
CA ASP A 14 -9.97 -5.78 -8.14
C ASP A 14 -9.26 -6.05 -9.47
N LEU A 15 -8.14 -5.36 -9.67
CA LEU A 15 -7.36 -5.53 -10.89
C LEU A 15 -6.61 -6.85 -10.87
N GLY A 16 -6.36 -7.37 -9.67
CA GLY A 16 -5.66 -8.64 -9.52
C GLY A 16 -4.19 -8.51 -9.86
N LYS A 17 -3.53 -7.51 -9.28
CA LYS A 17 -2.11 -7.29 -9.53
C LYS A 17 -1.54 -6.25 -8.57
N CYS A 18 -0.21 -6.21 -8.46
CA CYS A 18 0.45 -5.27 -7.58
C CYS A 18 0.81 -3.98 -8.32
N MET A 19 0.89 -2.89 -7.58
CA MET A 19 1.23 -1.59 -8.15
C MET A 19 1.98 -0.75 -7.11
N GLU A 20 2.05 0.56 -7.33
CA GLU A 20 2.77 1.43 -6.40
C GLU A 20 1.84 2.39 -5.68
N CYS A 21 2.14 2.63 -4.42
CA CYS A 21 1.38 3.56 -3.61
C CYS A 21 1.71 4.98 -4.03
N SER A 22 2.94 5.17 -4.50
CA SER A 22 3.37 6.48 -4.96
C SER A 22 2.39 6.99 -6.01
N VAL A 23 1.68 6.06 -6.66
CA VAL A 23 0.71 6.43 -7.67
C VAL A 23 -0.50 7.14 -7.04
N CYS A 24 -0.75 6.84 -5.78
CA CYS A 24 -1.87 7.45 -5.06
C CYS A 24 -1.62 8.95 -4.85
N LYS A 25 -2.49 9.58 -4.07
CA LYS A 25 -2.37 11.01 -3.79
C LYS A 25 -2.49 11.29 -2.30
N ASN A 26 -3.64 10.95 -1.73
CA ASN A 26 -3.88 11.16 -0.31
C ASN A 26 -5.24 10.60 0.09
N SER A 27 -6.24 10.82 -0.75
CA SER A 27 -7.59 10.33 -0.48
C SER A 27 -8.40 10.23 -1.77
N GLU A 28 -8.77 9.01 -2.13
CA GLU A 28 -9.55 8.77 -3.34
C GLU A 28 -10.18 7.39 -3.33
N LYS A 29 -10.88 7.05 -4.40
CA LYS A 29 -11.54 5.75 -4.50
C LYS A 29 -10.55 4.67 -4.92
N SER A 30 -9.62 4.34 -4.04
CA SER A 30 -8.61 3.33 -4.32
C SER A 30 -8.72 2.17 -3.33
N ASP A 31 -9.08 1.01 -3.85
CA ASP A 31 -9.22 -0.19 -3.02
C ASP A 31 -7.85 -0.81 -2.74
N PHE A 32 -6.83 -0.29 -3.41
CA PHE A 32 -5.47 -0.79 -3.25
C PHE A 32 -4.64 0.14 -2.37
N CYS A 33 -5.05 1.39 -2.30
CA CYS A 33 -4.34 2.33 -1.45
C CYS A 33 -4.50 1.94 0.00
N GLN A 34 -5.18 0.82 0.24
CA GLN A 34 -5.38 0.31 1.58
C GLN A 34 -4.24 -0.62 1.94
N ASN A 35 -3.48 -1.03 0.93
CA ASN A 35 -2.35 -1.93 1.14
C ASN A 35 -1.16 -1.17 1.71
N CYS A 36 -0.97 0.06 1.25
CA CYS A 36 0.12 0.93 1.69
C CYS A 36 0.44 0.72 3.18
N PRO A 37 -0.55 0.88 4.06
CA PRO A 37 -0.35 0.71 5.51
C PRO A 37 -0.14 -0.75 5.89
N SER A 38 0.61 -0.97 6.97
CA SER A 38 0.87 -2.32 7.46
C SER A 38 0.21 -2.57 8.80
N LYS A 39 -1.05 -2.97 8.77
CA LYS A 39 -1.81 -3.24 9.99
C LYS A 39 -1.24 -4.45 10.74
N THR A 40 -0.51 -5.29 10.02
CA THR A 40 0.10 -6.48 10.61
C THR A 40 -0.95 -7.32 11.33
N GLU A 41 -1.82 -7.97 10.56
CA GLU A 41 -2.87 -8.81 11.12
C GLU A 41 -3.10 -10.04 10.26
N GLN A 42 -3.49 -11.14 10.89
CA GLN A 42 -3.76 -12.39 10.18
C GLN A 42 -4.83 -12.18 9.10
N PRO A 43 -4.43 -12.19 7.82
CA PRO A 43 -5.37 -12.01 6.69
C PRO A 43 -6.47 -13.05 6.69
N ASP A 44 -7.71 -12.60 6.90
CA ASP A 44 -8.85 -13.49 6.92
C ASP A 44 -10.15 -12.72 6.66
N PHE A 45 -10.10 -11.83 5.67
CA PHE A 45 -11.27 -11.03 5.32
C PHE A 45 -11.74 -10.18 6.50
N PRO A 46 -11.14 -8.98 6.67
CA PRO A 46 -11.49 -8.07 7.76
C PRO A 46 -12.89 -7.50 7.61
N TRP A 47 -13.72 -7.67 8.63
CA TRP A 47 -15.09 -7.17 8.60
C TRP A 47 -15.50 -6.65 9.99
N ILE A 48 -16.23 -5.54 9.99
CA ILE A 48 -16.69 -4.95 11.24
C ILE A 48 -17.93 -5.65 11.77
N TRP A 49 -17.73 -6.84 12.33
CA TRP A 49 -18.85 -7.63 12.87
C TRP A 49 -19.12 -7.25 14.31
N VAL A 50 -20.32 -7.58 14.79
CA VAL A 50 -20.72 -7.27 16.15
C VAL A 50 -21.74 -8.28 16.67
N SER A 1 -5.29 -13.23 0.85
CA SER A 1 -4.41 -12.04 0.96
C SER A 1 -2.93 -12.43 0.87
N GLN A 2 -2.29 -12.05 -0.24
CA GLN A 2 -0.89 -12.36 -0.45
C GLN A 2 0.00 -11.22 0.04
N GLY A 3 1.22 -11.55 0.44
CA GLY A 3 2.14 -10.54 0.93
C GLY A 3 3.43 -10.50 0.13
N GLU A 4 3.31 -10.24 -1.16
CA GLU A 4 4.47 -10.16 -2.04
C GLU A 4 4.64 -8.75 -2.60
N CYS A 5 4.39 -7.76 -1.76
CA CYS A 5 4.51 -6.37 -2.17
C CYS A 5 4.86 -5.48 -0.97
N PRO A 6 6.14 -5.11 -0.82
CA PRO A 6 6.59 -4.26 0.30
C PRO A 6 5.96 -2.87 0.25
N GLU A 7 6.53 -1.95 1.04
CA GLU A 7 6.03 -0.58 1.09
C GLU A 7 6.28 0.15 -0.22
N GLY A 8 5.85 1.40 -0.28
CA GLY A 8 6.04 2.20 -1.47
C GLY A 8 5.12 1.76 -2.61
N ARG A 9 4.23 0.82 -2.34
CA ARG A 9 3.31 0.32 -3.35
C ARG A 9 2.06 -0.29 -2.72
N ALA A 10 1.27 -0.97 -3.55
CA ALA A 10 0.06 -1.61 -3.06
C ALA A 10 -0.45 -2.66 -4.05
N TYR A 11 -1.31 -3.54 -3.57
CA TYR A 11 -1.90 -4.59 -4.40
C TYR A 11 -3.43 -4.48 -4.39
N SER A 12 -4.01 -4.28 -5.57
CA SER A 12 -5.46 -4.16 -5.68
C SER A 12 -6.09 -5.50 -6.06
N GLN A 13 -6.69 -6.14 -5.06
CA GLN A 13 -7.33 -7.43 -5.28
C GLN A 13 -8.42 -7.33 -6.34
N ASP A 14 -8.96 -6.13 -6.51
CA ASP A 14 -10.00 -5.90 -7.50
C ASP A 14 -9.46 -6.13 -8.91
N LEU A 15 -8.40 -5.40 -9.25
CA LEU A 15 -7.78 -5.52 -10.57
C LEU A 15 -6.96 -6.80 -10.66
N GLY A 16 -6.49 -7.27 -9.51
CA GLY A 16 -5.69 -8.49 -9.48
C GLY A 16 -4.25 -8.25 -9.89
N LYS A 17 -3.65 -7.20 -9.33
CA LYS A 17 -2.27 -6.87 -9.64
C LYS A 17 -1.70 -5.87 -8.63
N CYS A 18 -0.39 -5.71 -8.63
CA CYS A 18 0.26 -4.78 -7.71
C CYS A 18 0.73 -3.52 -8.43
N MET A 19 0.52 -2.39 -7.79
CA MET A 19 0.92 -1.10 -8.33
C MET A 19 1.67 -0.32 -7.25
N GLU A 20 2.40 0.72 -7.65
CA GLU A 20 3.17 1.51 -6.68
C GLU A 20 2.29 2.38 -5.81
N CYS A 21 2.87 2.81 -4.71
CA CYS A 21 2.19 3.68 -3.75
C CYS A 21 2.33 5.12 -4.16
N SER A 22 3.43 5.44 -4.84
CA SER A 22 3.66 6.79 -5.32
C SER A 22 2.46 7.23 -6.17
N VAL A 23 1.74 6.24 -6.71
CA VAL A 23 0.57 6.52 -7.54
C VAL A 23 -0.61 6.96 -6.67
N CYS A 24 -0.57 6.59 -5.39
CA CYS A 24 -1.64 6.94 -4.45
C CYS A 24 -1.85 8.45 -4.41
N LYS A 25 -3.00 8.86 -3.86
CA LYS A 25 -3.32 10.28 -3.76
C LYS A 25 -3.42 10.91 -5.15
N ASN A 26 -4.58 10.80 -5.76
CA ASN A 26 -4.82 11.36 -7.09
C ASN A 26 -6.14 12.11 -7.14
N SER A 27 -7.21 11.44 -6.77
CA SER A 27 -8.54 12.03 -6.77
C SER A 27 -9.58 11.07 -6.19
N GLU A 28 -9.54 9.83 -6.65
CA GLU A 28 -10.47 8.81 -6.19
C GLU A 28 -9.92 8.10 -4.95
N LYS A 29 -10.65 7.09 -4.48
CA LYS A 29 -10.25 6.34 -3.31
C LYS A 29 -9.78 4.94 -3.70
N SER A 30 -8.49 4.79 -3.95
CA SER A 30 -7.92 3.51 -4.33
C SER A 30 -8.16 2.46 -3.25
N ASP A 31 -8.58 1.28 -3.67
CA ASP A 31 -8.85 0.18 -2.73
C ASP A 31 -7.56 -0.51 -2.30
N PHE A 32 -6.48 -0.28 -3.04
CA PHE A 32 -5.20 -0.90 -2.74
C PHE A 32 -4.28 0.02 -1.97
N CYS A 33 -4.62 1.29 -1.90
CA CYS A 33 -3.79 2.24 -1.16
C CYS A 33 -3.74 1.85 0.31
N GLN A 34 -4.42 0.77 0.67
CA GLN A 34 -4.40 0.28 2.04
C GLN A 34 -3.28 -0.73 2.20
N ASN A 35 -2.73 -1.17 1.08
CA ASN A 35 -1.64 -2.14 1.11
C ASN A 35 -0.33 -1.43 1.41
N CYS A 36 -0.17 -0.26 0.81
CA CYS A 36 1.02 0.57 1.00
C CYS A 36 1.41 0.65 2.48
N PRO A 37 0.49 1.08 3.36
CA PRO A 37 0.79 1.18 4.79
C PRO A 37 1.07 -0.20 5.41
N SER A 38 0.01 -0.93 5.76
CA SER A 38 0.16 -2.26 6.36
C SER A 38 1.20 -2.26 7.48
N LYS A 39 1.53 -3.45 7.97
CA LYS A 39 2.50 -3.59 9.04
C LYS A 39 3.92 -3.49 8.50
N THR A 40 4.78 -2.79 9.23
CA THR A 40 6.16 -2.61 8.82
C THR A 40 6.86 -3.96 8.63
N GLU A 41 7.67 -4.06 7.58
CA GLU A 41 8.39 -5.30 7.28
C GLU A 41 9.82 -5.23 7.81
N GLN A 42 9.96 -4.78 9.06
CA GLN A 42 11.27 -4.67 9.69
C GLN A 42 11.44 -5.71 10.78
N PRO A 43 12.02 -6.87 10.47
CA PRO A 43 12.25 -7.95 11.44
C PRO A 43 13.03 -7.49 12.66
N ASP A 44 12.33 -6.93 13.63
CA ASP A 44 12.96 -6.44 14.85
C ASP A 44 14.07 -5.45 14.54
N PHE A 45 13.84 -4.59 13.56
CA PHE A 45 14.82 -3.59 13.16
C PHE A 45 16.09 -4.25 12.63
N PRO A 46 16.19 -4.43 11.31
CA PRO A 46 17.37 -5.06 10.69
C PRO A 46 18.61 -4.18 10.80
N TRP A 47 19.70 -4.77 11.30
CA TRP A 47 20.95 -4.04 11.46
C TRP A 47 22.15 -4.96 11.22
N ILE A 48 23.28 -4.37 10.85
CA ILE A 48 24.49 -5.13 10.59
C ILE A 48 25.52 -4.92 11.69
N TRP A 49 25.89 -6.00 12.36
CA TRP A 49 26.88 -5.93 13.44
C TRP A 49 27.53 -7.29 13.66
N VAL A 50 28.59 -7.56 12.91
CA VAL A 50 29.31 -8.82 13.02
C VAL A 50 30.81 -8.59 13.12
N SER A 1 8.67 -15.27 -10.82
CA SER A 1 8.58 -14.13 -11.77
C SER A 1 7.51 -13.13 -11.33
N GLN A 2 6.36 -13.65 -10.92
CA GLN A 2 5.26 -12.79 -10.48
C GLN A 2 5.67 -11.95 -9.28
N GLY A 3 6.01 -10.69 -9.54
CA GLY A 3 6.41 -9.79 -8.47
C GLY A 3 7.35 -8.71 -8.94
N GLU A 4 6.81 -7.74 -9.70
CA GLU A 4 7.60 -6.65 -10.21
C GLU A 4 7.23 -5.34 -9.52
N CYS A 5 6.95 -5.43 -8.23
CA CYS A 5 6.57 -4.26 -7.44
C CYS A 5 7.37 -4.21 -6.14
N PRO A 6 8.40 -3.33 -6.07
CA PRO A 6 9.24 -3.20 -4.87
C PRO A 6 8.48 -2.62 -3.68
N GLU A 7 9.19 -2.38 -2.58
CA GLU A 7 8.59 -1.84 -1.38
C GLU A 7 7.87 -0.53 -1.66
N GLY A 8 7.32 0.07 -0.62
CA GLY A 8 6.60 1.32 -0.77
C GLY A 8 5.55 1.25 -1.87
N ARG A 9 4.88 0.11 -1.95
CA ARG A 9 3.85 -0.10 -2.96
C ARG A 9 2.55 -0.61 -2.35
N ALA A 10 1.62 -1.01 -3.22
CA ALA A 10 0.36 -1.56 -2.77
C ALA A 10 -0.11 -2.66 -3.72
N TYR A 11 -1.32 -3.15 -3.52
CA TYR A 11 -1.89 -4.19 -4.36
C TYR A 11 -3.40 -4.13 -4.33
N SER A 12 -4.01 -4.01 -5.51
CA SER A 12 -5.46 -3.92 -5.59
C SER A 12 -6.07 -5.27 -5.95
N GLN A 13 -6.58 -5.97 -4.94
CA GLN A 13 -7.18 -7.28 -5.15
C GLN A 13 -8.32 -7.20 -6.15
N ASP A 14 -8.92 -6.02 -6.27
CA ASP A 14 -10.02 -5.81 -7.20
C ASP A 14 -9.55 -6.03 -8.64
N LEU A 15 -8.53 -5.27 -9.04
CA LEU A 15 -7.98 -5.39 -10.39
C LEU A 15 -7.08 -6.62 -10.51
N GLY A 16 -6.56 -7.07 -9.37
CA GLY A 16 -5.69 -8.23 -9.37
C GLY A 16 -4.31 -7.93 -9.92
N LYS A 17 -3.68 -6.90 -9.40
CA LYS A 17 -2.35 -6.52 -9.86
C LYS A 17 -1.65 -5.61 -8.85
N CYS A 18 -0.33 -5.68 -8.80
CA CYS A 18 0.44 -4.85 -7.87
C CYS A 18 0.92 -3.57 -8.54
N MET A 19 0.83 -2.47 -7.81
CA MET A 19 1.26 -1.17 -8.31
C MET A 19 1.96 -0.40 -7.20
N GLU A 20 2.15 0.90 -7.39
CA GLU A 20 2.83 1.71 -6.38
C GLU A 20 1.87 2.68 -5.71
N CYS A 21 1.84 2.64 -4.38
CA CYS A 21 1.00 3.55 -3.64
C CYS A 21 1.38 4.98 -3.96
N SER A 22 2.63 5.17 -4.36
CA SER A 22 3.10 6.48 -4.75
C SER A 22 2.26 7.00 -5.91
N VAL A 23 1.65 6.06 -6.67
CA VAL A 23 0.82 6.44 -7.79
C VAL A 23 -0.44 7.16 -7.32
N CYS A 24 -0.82 6.92 -6.07
CA CYS A 24 -2.01 7.55 -5.50
C CYS A 24 -1.86 9.07 -5.47
N LYS A 25 -2.99 9.77 -5.37
CA LYS A 25 -2.97 11.23 -5.33
C LYS A 25 -4.36 11.78 -5.06
N ASN A 26 -4.49 12.52 -3.96
CA ASN A 26 -5.77 13.12 -3.59
C ASN A 26 -6.85 12.05 -3.43
N SER A 27 -8.08 12.48 -3.15
CA SER A 27 -9.19 11.57 -2.98
C SER A 27 -9.48 10.79 -4.26
N GLU A 28 -9.05 9.53 -4.29
CA GLU A 28 -9.26 8.69 -5.46
C GLU A 28 -9.90 7.36 -5.06
N LYS A 29 -10.77 6.84 -5.92
CA LYS A 29 -11.44 5.58 -5.66
C LYS A 29 -10.49 4.40 -5.86
N SER A 30 -9.46 4.34 -5.02
CA SER A 30 -8.47 3.27 -5.10
C SER A 30 -8.51 2.40 -3.84
N ASP A 31 -8.71 1.10 -4.04
CA ASP A 31 -8.77 0.16 -2.92
C ASP A 31 -7.45 -0.60 -2.78
N PHE A 32 -6.40 -0.11 -3.41
CA PHE A 32 -5.09 -0.74 -3.36
C PHE A 32 -4.13 0.01 -2.47
N CYS A 33 -4.31 1.31 -2.38
CA CYS A 33 -3.46 2.11 -1.52
C CYS A 33 -3.59 1.67 -0.07
N GLN A 34 -4.40 0.64 0.15
CA GLN A 34 -4.59 0.11 1.48
C GLN A 34 -3.56 -0.96 1.78
N ASN A 35 -2.94 -1.46 0.71
CA ASN A 35 -1.93 -2.50 0.85
C ASN A 35 -0.60 -1.89 1.28
N CYS A 36 -0.32 -0.72 0.73
CA CYS A 36 0.91 0.00 1.05
C CYS A 36 0.95 0.42 2.51
N PRO A 37 1.83 -0.21 3.33
CA PRO A 37 1.94 0.11 4.75
C PRO A 37 2.37 1.55 4.98
N SER A 38 2.23 2.01 6.22
CA SER A 38 2.60 3.37 6.58
C SER A 38 3.99 3.41 7.21
N LYS A 39 4.19 2.56 8.22
CA LYS A 39 5.48 2.49 8.91
C LYS A 39 5.86 3.84 9.49
N THR A 40 4.86 4.63 9.86
CA THR A 40 5.10 5.95 10.43
C THR A 40 4.04 6.30 11.47
N GLU A 41 4.16 5.70 12.65
CA GLU A 41 3.21 5.95 13.73
C GLU A 41 3.55 7.25 14.45
N GLN A 42 3.14 8.37 13.87
CA GLN A 42 3.40 9.68 14.45
C GLN A 42 2.15 10.24 15.13
N PRO A 43 2.01 10.01 16.44
CA PRO A 43 0.84 10.49 17.20
C PRO A 43 0.87 12.00 17.40
N ASP A 44 -0.20 12.55 17.95
CA ASP A 44 -0.31 13.98 18.20
C ASP A 44 -1.60 14.33 18.92
N PHE A 45 -2.01 13.45 19.83
CA PHE A 45 -3.24 13.65 20.60
C PHE A 45 -4.41 14.06 19.69
N PRO A 46 -4.65 13.27 18.63
CA PRO A 46 -5.74 13.55 17.68
C PRO A 46 -7.11 13.20 18.25
N TRP A 47 -8.11 14.02 17.94
CA TRP A 47 -9.46 13.79 18.42
C TRP A 47 -10.49 14.34 17.44
N ILE A 48 -11.49 13.51 17.13
CA ILE A 48 -12.55 13.86 16.19
C ILE A 48 -12.06 14.76 15.05
N TRP A 49 -11.75 14.15 13.92
CA TRP A 49 -11.26 14.88 12.75
C TRP A 49 -11.31 14.01 11.51
N VAL A 50 -11.76 14.60 10.40
CA VAL A 50 -11.86 13.88 9.13
C VAL A 50 -10.48 13.48 8.62
N SER A 1 3.69 -13.08 -2.11
CA SER A 1 2.95 -12.69 -3.34
C SER A 1 3.91 -12.35 -4.46
N GLN A 2 3.41 -12.41 -5.70
CA GLN A 2 4.24 -12.11 -6.87
C GLN A 2 4.02 -10.66 -7.32
N GLY A 3 5.12 -9.94 -7.52
CA GLY A 3 5.04 -8.56 -7.94
C GLY A 3 6.36 -7.83 -7.84
N GLU A 4 7.16 -8.21 -6.83
CA GLU A 4 8.47 -7.59 -6.63
C GLU A 4 8.36 -6.07 -6.66
N CYS A 5 7.27 -5.56 -6.11
CA CYS A 5 7.04 -4.12 -6.06
C CYS A 5 7.83 -3.47 -4.92
N PRO A 6 8.58 -2.39 -5.21
CA PRO A 6 9.39 -1.68 -4.20
C PRO A 6 8.52 -1.03 -3.13
N GLU A 7 9.12 -0.10 -2.38
CA GLU A 7 8.39 0.59 -1.31
C GLU A 7 7.26 1.42 -1.90
N GLY A 8 6.47 2.04 -1.03
CA GLY A 8 5.36 2.85 -1.48
C GLY A 8 4.51 2.12 -2.50
N ARG A 9 4.29 0.83 -2.25
CA ARG A 9 3.52 -0.01 -3.16
C ARG A 9 2.16 -0.38 -2.58
N ALA A 10 1.41 -1.15 -3.35
CA ALA A 10 0.10 -1.63 -2.93
C ALA A 10 -0.43 -2.67 -3.92
N TYR A 11 -1.30 -3.55 -3.44
CA TYR A 11 -1.88 -4.59 -4.29
C TYR A 11 -3.41 -4.53 -4.25
N SER A 12 -4.03 -4.35 -5.41
CA SER A 12 -5.48 -4.26 -5.50
C SER A 12 -6.08 -5.60 -5.90
N GLN A 13 -6.77 -6.23 -4.96
CA GLN A 13 -7.40 -7.53 -5.22
C GLN A 13 -8.50 -7.38 -6.26
N ASP A 14 -9.10 -6.20 -6.32
CA ASP A 14 -10.16 -5.93 -7.28
C ASP A 14 -9.63 -6.06 -8.71
N LEU A 15 -8.58 -5.32 -9.00
CA LEU A 15 -7.97 -5.36 -10.32
C LEU A 15 -7.11 -6.61 -10.49
N GLY A 16 -6.66 -7.15 -9.38
CA GLY A 16 -5.84 -8.34 -9.42
C GLY A 16 -4.45 -8.07 -9.95
N LYS A 17 -3.75 -7.10 -9.38
CA LYS A 17 -2.41 -6.75 -9.82
C LYS A 17 -1.72 -5.83 -8.81
N CYS A 18 -0.42 -5.64 -8.98
CA CYS A 18 0.35 -4.79 -8.08
C CYS A 18 0.66 -3.45 -8.74
N MET A 19 0.83 -2.43 -7.91
CA MET A 19 1.13 -1.08 -8.38
C MET A 19 1.88 -0.32 -7.29
N GLU A 20 1.83 1.00 -7.35
CA GLU A 20 2.53 1.82 -6.37
C GLU A 20 1.56 2.64 -5.54
N CYS A 21 1.67 2.52 -4.21
CA CYS A 21 0.82 3.27 -3.32
C CYS A 21 0.95 4.76 -3.63
N SER A 22 2.12 5.14 -4.12
CA SER A 22 2.37 6.51 -4.50
C SER A 22 1.40 6.93 -5.61
N VAL A 23 0.84 5.93 -6.31
CA VAL A 23 -0.11 6.20 -7.38
C VAL A 23 -1.17 7.21 -6.92
N CYS A 24 -1.50 7.15 -5.64
CA CYS A 24 -2.49 8.05 -5.07
C CYS A 24 -1.86 8.98 -4.05
N LYS A 25 -2.67 9.88 -3.50
CA LYS A 25 -2.19 10.84 -2.51
C LYS A 25 -3.26 11.11 -1.45
N ASN A 26 -4.49 11.36 -1.90
CA ASN A 26 -5.59 11.63 -0.99
C ASN A 26 -6.47 10.39 -0.83
N SER A 27 -7.21 10.05 -1.88
CA SER A 27 -8.09 8.90 -1.86
C SER A 27 -8.07 8.15 -3.19
N GLU A 28 -8.45 8.86 -4.26
CA GLU A 28 -8.48 8.27 -5.59
C GLU A 28 -9.44 7.09 -5.64
N LYS A 29 -9.63 6.53 -6.84
CA LYS A 29 -10.52 5.40 -7.02
C LYS A 29 -9.74 4.08 -6.97
N SER A 30 -8.78 4.01 -6.06
CA SER A 30 -7.96 2.81 -5.90
C SER A 30 -8.17 2.20 -4.52
N ASP A 31 -8.63 0.94 -4.51
CA ASP A 31 -8.86 0.23 -3.26
C ASP A 31 -7.60 -0.52 -2.82
N PHE A 32 -6.47 -0.17 -3.42
CA PHE A 32 -5.20 -0.81 -3.11
C PHE A 32 -4.29 0.09 -2.29
N CYS A 33 -4.58 1.37 -2.29
CA CYS A 33 -3.78 2.28 -1.48
C CYS A 33 -3.88 1.93 0.00
N GLN A 34 -4.69 0.91 0.30
CA GLN A 34 -4.84 0.45 1.67
C GLN A 34 -3.70 -0.49 2.01
N ASN A 35 -3.07 -1.02 0.98
CA ASN A 35 -1.94 -1.93 1.14
C ASN A 35 -0.73 -1.21 1.70
N CYS A 36 -0.52 0.00 1.20
CA CYS A 36 0.60 0.86 1.62
C CYS A 36 1.15 0.49 3.00
N PRO A 37 2.49 0.44 3.14
CA PRO A 37 3.13 0.09 4.41
C PRO A 37 2.85 1.11 5.51
N SER A 38 2.66 0.62 6.73
CA SER A 38 2.38 1.49 7.86
C SER A 38 3.62 1.69 8.73
N LYS A 39 4.48 2.62 8.33
CA LYS A 39 5.71 2.90 9.06
C LYS A 39 6.24 4.28 8.72
N THR A 40 7.36 4.66 9.33
CA THR A 40 7.97 5.96 9.08
C THR A 40 8.87 5.92 7.86
N GLU A 41 9.31 7.09 7.41
CA GLU A 41 10.18 7.19 6.24
C GLU A 41 11.20 8.31 6.41
N GLN A 42 12.09 8.44 5.44
CA GLN A 42 13.12 9.48 5.49
C GLN A 42 12.73 10.67 4.62
N PRO A 43 12.89 11.91 5.12
CA PRO A 43 12.56 13.12 4.39
C PRO A 43 13.58 13.45 3.31
N ASP A 44 13.49 14.66 2.75
CA ASP A 44 14.42 15.09 1.72
C ASP A 44 14.92 16.51 1.99
N PHE A 45 15.22 16.78 3.26
CA PHE A 45 15.71 18.09 3.66
C PHE A 45 16.46 18.02 4.99
N PRO A 46 17.69 17.47 4.97
CA PRO A 46 18.51 17.34 6.17
C PRO A 46 19.05 18.68 6.67
N TRP A 47 18.20 19.44 7.34
CA TRP A 47 18.60 20.75 7.85
C TRP A 47 19.00 21.69 6.73
N ILE A 48 18.79 22.99 6.94
CA ILE A 48 19.14 24.00 5.95
C ILE A 48 20.53 24.55 6.19
N TRP A 49 21.02 25.38 5.26
CA TRP A 49 22.33 25.97 5.38
C TRP A 49 22.26 27.50 5.30
N VAL A 50 21.85 28.11 6.41
CA VAL A 50 21.73 29.56 6.47
C VAL A 50 21.92 30.07 7.90
N SER A 1 -0.37 -11.99 -11.75
CA SER A 1 0.58 -12.71 -12.63
C SER A 1 1.64 -11.76 -13.18
N GLN A 2 2.02 -10.78 -12.37
CA GLN A 2 3.03 -9.80 -12.76
C GLN A 2 3.32 -8.83 -11.63
N GLY A 3 4.49 -8.98 -11.00
CA GLY A 3 4.87 -8.12 -9.91
C GLY A 3 5.20 -6.71 -10.38
N GLU A 4 6.46 -6.49 -10.72
CA GLU A 4 6.91 -5.18 -11.19
C GLU A 4 6.43 -4.07 -10.26
N CYS A 5 6.44 -4.35 -8.95
CA CYS A 5 6.01 -3.38 -7.96
C CYS A 5 6.75 -3.59 -6.64
N PRO A 6 7.85 -2.85 -6.42
CA PRO A 6 8.65 -2.95 -5.19
C PRO A 6 7.92 -2.38 -3.99
N GLU A 7 8.68 -1.98 -2.97
CA GLU A 7 8.09 -1.41 -1.77
C GLU A 7 7.37 -0.11 -2.10
N GLY A 8 6.83 0.55 -1.08
CA GLY A 8 6.11 1.78 -1.29
C GLY A 8 5.06 1.61 -2.38
N ARG A 9 4.36 0.50 -2.34
CA ARG A 9 3.34 0.19 -3.33
C ARG A 9 2.10 -0.45 -2.68
N ALA A 10 1.07 -0.66 -3.49
CA ALA A 10 -0.15 -1.30 -3.03
C ALA A 10 -0.58 -2.42 -3.99
N TYR A 11 -1.73 -3.03 -3.72
CA TYR A 11 -2.24 -4.11 -4.56
C TYR A 11 -3.77 -4.13 -4.55
N SER A 12 -4.38 -3.88 -5.71
CA SER A 12 -5.83 -3.85 -5.82
C SER A 12 -6.37 -5.22 -6.25
N GLN A 13 -6.99 -5.92 -5.31
CA GLN A 13 -7.57 -7.22 -5.61
C GLN A 13 -8.69 -7.10 -6.62
N ASP A 14 -9.36 -5.96 -6.62
CA ASP A 14 -10.46 -5.70 -7.54
C ASP A 14 -9.92 -5.65 -8.97
N LEU A 15 -8.98 -4.75 -9.21
CA LEU A 15 -8.39 -4.60 -10.54
C LEU A 15 -7.51 -5.80 -10.86
N GLY A 16 -7.02 -6.46 -9.83
CA GLY A 16 -6.16 -7.62 -10.02
C GLY A 16 -4.77 -7.25 -10.48
N LYS A 17 -4.16 -6.28 -9.81
CA LYS A 17 -2.83 -5.83 -10.15
C LYS A 17 -2.21 -5.01 -9.02
N CYS A 18 -0.88 -4.98 -8.96
CA CYS A 18 -0.17 -4.23 -7.93
C CYS A 18 0.45 -2.98 -8.52
N MET A 19 0.17 -1.83 -7.91
CA MET A 19 0.71 -0.57 -8.36
C MET A 19 1.42 0.14 -7.20
N GLU A 20 2.15 1.21 -7.52
CA GLU A 20 2.88 1.94 -6.50
C GLU A 20 1.97 2.68 -5.54
N CYS A 21 2.55 3.01 -4.39
CA CYS A 21 1.85 3.75 -3.34
C CYS A 21 2.08 5.23 -3.51
N SER A 22 3.28 5.59 -3.97
CA SER A 22 3.61 6.98 -4.19
C SER A 22 2.55 7.65 -5.06
N VAL A 23 1.81 6.82 -5.81
CA VAL A 23 0.77 7.32 -6.68
C VAL A 23 -0.40 7.88 -5.87
N CYS A 24 -0.77 7.12 -4.85
CA CYS A 24 -1.88 7.49 -3.97
C CYS A 24 -1.83 8.96 -3.61
N LYS A 25 -2.60 9.77 -4.34
CA LYS A 25 -2.65 11.20 -4.11
C LYS A 25 -4.02 11.76 -4.49
N ASN A 26 -4.39 11.57 -5.75
CA ASN A 26 -5.68 12.06 -6.24
C ASN A 26 -6.20 11.17 -7.37
N SER A 27 -7.28 10.46 -7.09
CA SER A 27 -7.89 9.57 -8.08
C SER A 27 -9.20 9.00 -7.57
N GLU A 28 -9.75 8.03 -8.29
CA GLU A 28 -11.01 7.40 -7.91
C GLU A 28 -10.90 6.76 -6.53
N LYS A 29 -11.96 6.11 -6.09
CA LYS A 29 -11.99 5.45 -4.79
C LYS A 29 -11.04 4.26 -4.77
N SER A 30 -9.75 4.54 -4.72
CA SER A 30 -8.74 3.48 -4.69
C SER A 30 -8.98 2.52 -3.53
N ASP A 31 -8.88 1.23 -3.81
CA ASP A 31 -9.09 0.20 -2.79
C ASP A 31 -7.79 -0.50 -2.41
N PHE A 32 -6.71 -0.17 -3.12
CA PHE A 32 -5.42 -0.80 -2.84
C PHE A 32 -4.51 0.09 -2.01
N CYS A 33 -4.85 1.36 -1.89
CA CYS A 33 -4.05 2.26 -1.08
C CYS A 33 -3.97 1.76 0.37
N GLN A 34 -4.65 0.66 0.65
CA GLN A 34 -4.63 0.08 1.98
C GLN A 34 -3.53 -0.97 2.07
N ASN A 35 -2.97 -1.31 0.91
CA ASN A 35 -1.89 -2.30 0.86
C ASN A 35 -0.58 -1.61 1.23
N CYS A 36 -0.41 -0.43 0.68
CA CYS A 36 0.78 0.39 0.92
C CYS A 36 1.19 0.35 2.40
N PRO A 37 0.29 0.75 3.32
CA PRO A 37 0.58 0.76 4.75
C PRO A 37 0.74 -0.66 5.32
N SER A 38 -0.22 -1.53 5.00
CA SER A 38 -0.19 -2.90 5.47
C SER A 38 -1.44 -3.66 5.02
N LYS A 39 -1.30 -4.95 4.80
CA LYS A 39 -2.42 -5.78 4.37
C LYS A 39 -2.46 -7.09 5.15
N THR A 40 -3.01 -7.03 6.36
CA THR A 40 -3.12 -8.21 7.21
C THR A 40 -4.26 -8.07 8.20
N GLU A 41 -5.49 -8.25 7.71
CA GLU A 41 -6.68 -8.14 8.55
C GLU A 41 -6.79 -6.74 9.14
N GLN A 42 -8.01 -6.35 9.49
CA GLN A 42 -8.26 -5.03 10.06
C GLN A 42 -7.60 -4.91 11.43
N PRO A 43 -7.24 -3.68 11.85
CA PRO A 43 -6.60 -3.44 13.15
C PRO A 43 -7.51 -3.79 14.32
N ASP A 44 -7.12 -3.36 15.51
CA ASP A 44 -7.90 -3.63 16.71
C ASP A 44 -8.02 -5.13 16.96
N PHE A 45 -6.93 -5.86 16.73
CA PHE A 45 -6.91 -7.30 16.92
C PHE A 45 -5.88 -7.69 17.99
N PRO A 46 -6.18 -8.74 18.77
CA PRO A 46 -5.27 -9.22 19.82
C PRO A 46 -4.06 -9.95 19.26
N TRP A 47 -3.19 -10.42 20.14
CA TRP A 47 -2.00 -11.15 19.74
C TRP A 47 -2.34 -12.52 19.19
N ILE A 48 -1.33 -13.27 18.79
CA ILE A 48 -1.53 -14.61 18.26
C ILE A 48 -1.48 -15.67 19.35
N TRP A 49 -2.24 -15.44 20.42
CA TRP A 49 -2.28 -16.37 21.54
C TRP A 49 -0.90 -16.51 22.18
N VAL A 50 -0.87 -16.93 23.44
CA VAL A 50 0.37 -17.11 24.17
C VAL A 50 1.11 -18.37 23.70
N SER A 1 0.06 -16.09 -7.60
CA SER A 1 1.47 -16.11 -8.08
C SER A 1 2.01 -14.69 -8.28
N GLN A 2 1.52 -13.76 -7.48
CA GLN A 2 1.96 -12.37 -7.56
C GLN A 2 2.09 -11.75 -6.18
N GLY A 3 3.31 -11.36 -5.81
CA GLY A 3 3.54 -10.76 -4.51
C GLY A 3 4.74 -9.83 -4.51
N GLU A 4 5.61 -9.99 -3.52
CA GLU A 4 6.80 -9.18 -3.40
C GLU A 4 6.46 -7.69 -3.50
N CYS A 5 5.41 -7.29 -2.80
CA CYS A 5 4.97 -5.90 -2.80
C CYS A 5 5.37 -5.19 -1.52
N PRO A 6 6.56 -4.56 -1.51
CA PRO A 6 7.07 -3.84 -0.33
C PRO A 6 6.30 -2.55 -0.05
N GLU A 7 6.87 -1.71 0.81
CA GLU A 7 6.24 -0.43 1.16
C GLU A 7 6.15 0.49 -0.05
N GLY A 8 5.63 1.69 0.18
CA GLY A 8 5.49 2.67 -0.89
C GLY A 8 4.79 2.09 -2.10
N ARG A 9 3.81 1.22 -1.86
CA ARG A 9 3.07 0.58 -2.93
C ARG A 9 1.91 -0.24 -2.35
N ALA A 10 1.13 -0.87 -3.23
CA ALA A 10 0.02 -1.70 -2.80
C ALA A 10 -0.46 -2.65 -3.88
N TYR A 11 -1.39 -3.54 -3.52
CA TYR A 11 -1.95 -4.50 -4.45
C TYR A 11 -3.48 -4.41 -4.42
N SER A 12 -4.08 -4.26 -5.60
CA SER A 12 -5.54 -4.14 -5.69
C SER A 12 -6.15 -5.46 -6.16
N GLN A 13 -6.91 -6.08 -5.26
CA GLN A 13 -7.57 -7.35 -5.58
C GLN A 13 -8.59 -7.17 -6.68
N ASP A 14 -9.14 -5.96 -6.78
CA ASP A 14 -10.12 -5.65 -7.81
C ASP A 14 -9.51 -5.76 -9.19
N LEU A 15 -8.45 -5.00 -9.43
CA LEU A 15 -7.76 -5.02 -10.71
C LEU A 15 -6.98 -6.31 -10.88
N GLY A 16 -6.61 -6.92 -9.76
CA GLY A 16 -5.86 -8.17 -9.80
C GLY A 16 -4.43 -7.97 -10.24
N LYS A 17 -3.73 -7.05 -9.57
CA LYS A 17 -2.33 -6.78 -9.90
C LYS A 17 -1.75 -5.75 -8.94
N CYS A 18 -0.47 -5.89 -8.63
CA CYS A 18 0.20 -4.97 -7.72
C CYS A 18 0.62 -3.69 -8.43
N MET A 19 0.48 -2.58 -7.73
CA MET A 19 0.85 -1.27 -8.26
C MET A 19 1.71 -0.53 -7.25
N GLU A 20 1.74 0.78 -7.36
CA GLU A 20 2.53 1.60 -6.46
C GLU A 20 1.65 2.55 -5.66
N CYS A 21 2.22 3.08 -4.57
CA CYS A 21 1.50 4.03 -3.74
C CYS A 21 1.55 5.41 -4.37
N SER A 22 2.64 5.68 -5.09
CA SER A 22 2.78 6.96 -5.77
C SER A 22 1.56 7.22 -6.64
N VAL A 23 0.88 6.12 -7.02
CA VAL A 23 -0.31 6.23 -7.84
C VAL A 23 -1.47 6.80 -7.03
N CYS A 24 -1.47 6.52 -5.73
CA CYS A 24 -2.51 7.00 -4.83
C CYS A 24 -2.42 8.52 -4.66
N LYS A 25 -1.30 8.97 -4.12
CA LYS A 25 -1.08 10.39 -3.90
C LYS A 25 -2.16 11.00 -3.00
N ASN A 26 -2.83 10.15 -2.23
CA ASN A 26 -3.88 10.59 -1.32
C ASN A 26 -4.86 11.54 -2.03
N SER A 27 -5.88 10.96 -2.65
CA SER A 27 -6.88 11.74 -3.36
C SER A 27 -8.12 10.90 -3.66
N GLU A 28 -7.91 9.71 -4.21
CA GLU A 28 -9.01 8.82 -4.54
C GLU A 28 -9.12 7.70 -3.51
N LYS A 29 -10.32 7.15 -3.38
CA LYS A 29 -10.57 6.07 -2.42
C LYS A 29 -10.09 4.73 -2.98
N SER A 30 -8.79 4.64 -3.26
CA SER A 30 -8.20 3.42 -3.79
C SER A 30 -8.42 2.25 -2.85
N ASP A 31 -8.82 1.10 -3.39
CA ASP A 31 -9.06 -0.09 -2.60
C ASP A 31 -7.75 -0.78 -2.22
N PHE A 32 -6.67 -0.45 -2.92
CA PHE A 32 -5.37 -1.05 -2.65
C PHE A 32 -4.52 -0.18 -1.76
N CYS A 33 -4.87 1.09 -1.62
CA CYS A 33 -4.11 1.97 -0.76
C CYS A 33 -4.06 1.45 0.66
N GLN A 34 -4.75 0.34 0.91
CA GLN A 34 -4.73 -0.27 2.23
C GLN A 34 -3.52 -1.17 2.36
N ASN A 35 -2.95 -1.54 1.23
CA ASN A 35 -1.77 -2.39 1.21
C ASN A 35 -0.56 -1.60 1.68
N CYS A 36 -0.45 -0.38 1.17
CA CYS A 36 0.63 0.53 1.51
C CYS A 36 0.86 0.56 3.02
N PRO A 37 2.05 1.01 3.46
CA PRO A 37 2.37 1.09 4.89
C PRO A 37 1.74 2.30 5.56
N SER A 38 0.96 2.06 6.61
CA SER A 38 0.29 3.14 7.33
C SER A 38 0.58 3.06 8.82
N LYS A 39 0.92 4.21 9.41
CA LYS A 39 1.22 4.28 10.84
C LYS A 39 2.33 3.30 11.22
N THR A 40 3.56 3.82 11.30
CA THR A 40 4.71 3.00 11.66
C THR A 40 5.98 3.84 11.72
N GLU A 41 6.27 4.54 10.62
CA GLU A 41 7.46 5.38 10.54
C GLU A 41 8.72 4.58 10.87
N GLN A 42 8.75 3.33 10.42
CA GLN A 42 9.89 2.45 10.66
C GLN A 42 11.14 2.95 9.93
N PRO A 43 11.09 2.99 8.59
CA PRO A 43 12.21 3.43 7.76
C PRO A 43 12.64 4.85 8.10
N ASP A 44 13.55 5.39 7.29
CA ASP A 44 14.04 6.75 7.50
C ASP A 44 14.56 7.35 6.19
N PHE A 45 13.67 7.45 5.20
CA PHE A 45 14.04 8.00 3.90
C PHE A 45 14.78 9.33 4.05
N PRO A 46 16.11 9.33 3.84
CA PRO A 46 16.93 10.54 3.96
C PRO A 46 16.49 11.63 3.00
N TRP A 47 16.65 12.89 3.41
CA TRP A 47 16.27 14.02 2.58
C TRP A 47 17.49 14.80 2.12
N ILE A 48 17.64 14.97 0.81
CA ILE A 48 18.77 15.70 0.26
C ILE A 48 18.37 17.13 -0.11
N TRP A 49 18.93 18.09 0.61
CA TRP A 49 18.63 19.51 0.36
C TRP A 49 18.97 19.88 -1.08
N VAL A 50 17.99 20.46 -1.77
CA VAL A 50 18.18 20.86 -3.17
C VAL A 50 18.64 22.31 -3.25
N SER A 1 6.33 -16.29 -8.73
CA SER A 1 5.22 -15.30 -8.82
C SER A 1 5.73 -13.96 -9.34
N GLN A 2 4.82 -13.17 -9.91
CA GLN A 2 5.18 -11.86 -10.44
C GLN A 2 5.53 -10.89 -9.33
N GLY A 3 6.02 -9.71 -9.70
CA GLY A 3 6.38 -8.71 -8.71
C GLY A 3 7.34 -7.67 -9.26
N GLU A 4 6.78 -6.61 -9.84
CA GLU A 4 7.58 -5.54 -10.41
C GLU A 4 7.16 -4.19 -9.84
N CYS A 5 6.97 -4.13 -8.53
CA CYS A 5 6.56 -2.90 -7.86
C CYS A 5 7.64 -2.42 -6.89
N PRO A 6 7.95 -1.12 -6.89
CA PRO A 6 8.96 -0.54 -5.99
C PRO A 6 8.47 -0.44 -4.55
N GLU A 7 9.17 0.36 -3.74
CA GLU A 7 8.79 0.54 -2.35
C GLU A 7 7.53 1.39 -2.24
N GLY A 8 6.96 1.42 -1.04
CA GLY A 8 5.75 2.20 -0.81
C GLY A 8 4.67 1.87 -1.82
N ARG A 9 4.59 0.60 -2.22
CA ARG A 9 3.61 0.15 -3.19
C ARG A 9 2.40 -0.48 -2.50
N ALA A 10 1.47 -0.99 -3.32
CA ALA A 10 0.29 -1.66 -2.80
C ALA A 10 -0.18 -2.75 -3.77
N TYR A 11 -1.34 -3.34 -3.48
CA TYR A 11 -1.91 -4.40 -4.32
C TYR A 11 -3.42 -4.36 -4.28
N SER A 12 -4.05 -4.02 -5.41
CA SER A 12 -5.50 -3.93 -5.48
C SER A 12 -6.13 -5.31 -5.67
N GLN A 13 -6.73 -5.82 -4.61
CA GLN A 13 -7.39 -7.12 -4.66
C GLN A 13 -8.60 -7.07 -5.58
N ASP A 14 -9.24 -5.91 -5.65
CA ASP A 14 -10.41 -5.72 -6.49
C ASP A 14 -10.04 -5.97 -7.95
N LEU A 15 -9.04 -5.25 -8.44
CA LEU A 15 -8.58 -5.38 -9.81
C LEU A 15 -7.67 -6.60 -9.95
N GLY A 16 -7.08 -7.02 -8.84
CA GLY A 16 -6.19 -8.16 -8.85
C GLY A 16 -4.86 -7.86 -9.50
N LYS A 17 -4.23 -6.75 -9.09
CA LYS A 17 -2.94 -6.35 -9.65
C LYS A 17 -2.15 -5.54 -8.64
N CYS A 18 -0.98 -5.08 -9.07
CA CYS A 18 -0.11 -4.28 -8.21
C CYS A 18 0.18 -2.92 -8.84
N MET A 19 0.51 -1.97 -7.99
CA MET A 19 0.83 -0.61 -8.41
C MET A 19 1.60 0.11 -7.31
N GLU A 20 1.64 1.43 -7.35
CA GLU A 20 2.36 2.19 -6.34
C GLU A 20 1.41 3.06 -5.52
N CYS A 21 1.48 2.91 -4.21
CA CYS A 21 0.66 3.71 -3.32
C CYS A 21 0.90 5.19 -3.58
N SER A 22 2.13 5.48 -4.02
CA SER A 22 2.49 6.86 -4.35
C SER A 22 1.60 7.36 -5.49
N VAL A 23 1.00 6.42 -6.24
CA VAL A 23 0.12 6.78 -7.33
C VAL A 23 -1.05 7.62 -6.83
N CYS A 24 -1.62 7.16 -5.73
CA CYS A 24 -2.76 7.83 -5.10
C CYS A 24 -2.28 8.83 -4.06
N LYS A 25 -3.11 9.85 -3.80
CA LYS A 25 -2.77 10.87 -2.83
C LYS A 25 -3.85 10.98 -1.75
N ASN A 26 -5.11 10.94 -2.18
CA ASN A 26 -6.23 11.03 -1.25
C ASN A 26 -7.50 10.47 -1.89
N SER A 27 -7.83 10.97 -3.08
CA SER A 27 -9.02 10.53 -3.79
C SER A 27 -8.63 9.83 -5.11
N GLU A 28 -8.43 8.53 -5.03
CA GLU A 28 -8.06 7.75 -6.20
C GLU A 28 -9.02 6.58 -6.42
N LYS A 29 -9.09 6.11 -7.66
CA LYS A 29 -9.98 5.00 -8.00
C LYS A 29 -9.28 3.66 -7.78
N SER A 30 -8.73 3.48 -6.58
CA SER A 30 -8.03 2.24 -6.25
C SER A 30 -8.07 1.97 -4.75
N ASP A 31 -8.57 0.80 -4.38
CA ASP A 31 -8.66 0.41 -2.98
C ASP A 31 -7.42 -0.39 -2.57
N PHE A 32 -6.31 -0.14 -3.23
CA PHE A 32 -5.07 -0.84 -2.96
C PHE A 32 -4.13 -0.04 -2.09
N CYS A 33 -4.32 1.27 -2.03
CA CYS A 33 -3.47 2.10 -1.19
C CYS A 33 -3.55 1.65 0.27
N GLN A 34 -4.35 0.62 0.53
CA GLN A 34 -4.46 0.10 1.88
C GLN A 34 -3.45 -1.02 2.09
N ASN A 35 -2.86 -1.47 0.99
CA ASN A 35 -1.86 -2.54 1.07
C ASN A 35 -0.50 -1.96 1.43
N CYS A 36 -0.21 -0.80 0.88
CA CYS A 36 1.05 -0.11 1.14
C CYS A 36 1.22 0.20 2.63
N PRO A 37 2.46 0.06 3.15
CA PRO A 37 2.74 0.32 4.56
C PRO A 37 2.72 1.81 4.89
N SER A 38 1.60 2.28 5.41
CA SER A 38 1.45 3.68 5.77
C SER A 38 2.05 3.96 7.15
N LYS A 39 2.02 2.94 8.01
CA LYS A 39 2.57 3.07 9.36
C LYS A 39 3.69 2.06 9.59
N THR A 40 4.19 2.01 10.82
CA THR A 40 5.26 1.09 11.16
C THR A 40 4.80 0.08 12.20
N GLU A 41 4.22 -1.03 11.73
CA GLU A 41 3.73 -2.07 12.62
C GLU A 41 2.62 -1.54 13.52
N GLN A 42 1.42 -2.09 13.36
CA GLN A 42 0.28 -1.67 14.16
C GLN A 42 0.54 -1.87 15.65
N PRO A 43 0.77 -3.13 16.07
CA PRO A 43 1.04 -3.46 17.48
C PRO A 43 2.36 -2.88 17.96
N ASP A 44 2.32 -1.63 18.41
CA ASP A 44 3.51 -0.95 18.91
C ASP A 44 3.14 0.20 19.84
N PHE A 45 2.20 -0.05 20.74
CA PHE A 45 1.74 0.95 21.70
C PHE A 45 1.53 2.31 21.02
N PRO A 46 0.62 2.38 20.04
CA PRO A 46 0.33 3.62 19.32
C PRO A 46 -0.40 4.64 20.18
N TRP A 47 0.15 5.84 20.29
CA TRP A 47 -0.45 6.90 21.09
C TRP A 47 -0.63 8.17 20.27
N ILE A 48 -0.62 7.99 18.97
CA ILE A 48 -0.79 9.10 18.03
C ILE A 48 -2.26 9.46 17.87
N TRP A 49 -2.79 10.23 18.81
CA TRP A 49 -4.19 10.65 18.76
C TRP A 49 -4.30 12.16 18.64
N VAL A 50 -4.15 12.66 17.42
CA VAL A 50 -4.23 14.10 17.17
C VAL A 50 -5.68 14.54 16.97
N SER A 1 10.34 -3.48 -11.58
CA SER A 1 10.56 -3.83 -10.16
C SER A 1 10.66 -5.34 -9.96
N GLN A 2 11.88 -5.86 -10.03
CA GLN A 2 12.11 -7.29 -9.87
C GLN A 2 11.85 -7.72 -8.43
N GLY A 3 10.99 -8.72 -8.25
CA GLY A 3 10.67 -9.21 -6.93
C GLY A 3 9.17 -9.22 -6.66
N GLU A 4 8.75 -8.48 -5.63
CA GLU A 4 7.34 -8.41 -5.27
C GLU A 4 6.95 -6.99 -4.89
N CYS A 5 7.33 -6.02 -5.71
CA CYS A 5 7.03 -4.62 -5.46
C CYS A 5 7.69 -4.14 -4.15
N PRO A 6 8.55 -3.11 -4.23
CA PRO A 6 9.24 -2.58 -3.05
C PRO A 6 8.30 -1.78 -2.15
N GLU A 7 8.87 -0.97 -1.26
CA GLU A 7 8.06 -0.16 -0.34
C GLU A 7 7.17 0.80 -1.12
N GLY A 8 6.34 1.54 -0.39
CA GLY A 8 5.44 2.49 -1.02
C GLY A 8 4.66 1.84 -2.15
N ARG A 9 4.21 0.62 -1.92
CA ARG A 9 3.46 -0.13 -2.91
C ARG A 9 2.05 -0.49 -2.44
N ALA A 10 1.37 -1.27 -3.27
CA ALA A 10 0.03 -1.76 -2.96
C ALA A 10 -0.49 -2.60 -4.13
N TYR A 11 -1.36 -3.56 -3.82
CA TYR A 11 -1.93 -4.44 -4.83
C TYR A 11 -3.45 -4.32 -4.82
N SER A 12 -4.03 -4.09 -5.98
CA SER A 12 -5.48 -3.95 -6.10
C SER A 12 -6.11 -5.25 -6.60
N GLN A 13 -6.65 -6.04 -5.67
CA GLN A 13 -7.28 -7.31 -6.02
C GLN A 13 -8.38 -7.13 -7.06
N ASP A 14 -8.92 -5.92 -7.12
CA ASP A 14 -9.98 -5.61 -8.07
C ASP A 14 -9.48 -5.78 -9.51
N LEU A 15 -8.39 -5.09 -9.83
CA LEU A 15 -7.81 -5.17 -11.16
C LEU A 15 -6.92 -6.40 -11.29
N GLY A 16 -6.42 -6.88 -10.16
CA GLY A 16 -5.56 -8.05 -10.16
C GLY A 16 -4.16 -7.74 -10.66
N LYS A 17 -3.53 -6.73 -10.06
CA LYS A 17 -2.18 -6.33 -10.44
C LYS A 17 -1.55 -5.46 -9.37
N CYS A 18 -0.23 -5.51 -9.26
CA CYS A 18 0.50 -4.72 -8.28
C CYS A 18 0.89 -3.36 -8.85
N MET A 19 1.00 -2.38 -7.96
CA MET A 19 1.38 -1.03 -8.35
C MET A 19 2.10 -0.35 -7.19
N GLU A 20 2.21 0.97 -7.24
CA GLU A 20 2.89 1.71 -6.17
C GLU A 20 1.96 2.63 -5.41
N CYS A 21 2.08 2.60 -4.09
CA CYS A 21 1.27 3.47 -3.25
C CYS A 21 1.48 4.91 -3.68
N SER A 22 2.69 5.20 -4.16
CA SER A 22 3.01 6.53 -4.65
C SER A 22 1.94 6.93 -5.67
N VAL A 23 1.35 5.94 -6.32
CA VAL A 23 0.30 6.20 -7.30
C VAL A 23 -0.82 7.01 -6.67
N CYS A 24 -1.02 6.82 -5.37
CA CYS A 24 -2.06 7.53 -4.62
C CYS A 24 -1.70 8.99 -4.44
N LYS A 25 -2.36 9.87 -5.19
CA LYS A 25 -2.10 11.31 -5.09
C LYS A 25 -2.93 12.08 -6.12
N ASN A 26 -3.10 11.50 -7.30
CA ASN A 26 -3.86 12.15 -8.37
C ASN A 26 -5.35 11.81 -8.26
N SER A 27 -5.69 10.56 -8.53
CA SER A 27 -7.08 10.12 -8.47
C SER A 27 -7.41 9.54 -7.10
N GLU A 28 -8.70 9.47 -6.79
CA GLU A 28 -9.16 8.93 -5.51
C GLU A 28 -9.85 7.59 -5.71
N LYS A 29 -10.62 7.17 -4.71
CA LYS A 29 -11.35 5.90 -4.78
C LYS A 29 -10.37 4.74 -4.97
N SER A 30 -9.22 4.84 -4.31
CA SER A 30 -8.19 3.81 -4.41
C SER A 30 -8.56 2.59 -3.56
N ASP A 31 -8.67 1.44 -4.23
CA ASP A 31 -9.01 0.20 -3.55
C ASP A 31 -7.75 -0.60 -3.23
N PHE A 32 -6.61 -0.12 -3.71
CA PHE A 32 -5.32 -0.79 -3.48
C PHE A 32 -4.50 -0.05 -2.46
N CYS A 33 -4.81 1.21 -2.21
CA CYS A 33 -4.08 1.97 -1.22
C CYS A 33 -4.32 1.38 0.17
N GLN A 34 -5.13 0.33 0.22
CA GLN A 34 -5.41 -0.35 1.48
C GLN A 34 -4.30 -1.37 1.77
N ASN A 35 -3.58 -1.72 0.72
CA ASN A 35 -2.50 -2.69 0.82
C ASN A 35 -1.32 -2.11 1.59
N CYS A 36 -1.04 -0.83 1.32
CA CYS A 36 0.07 -0.12 1.96
C CYS A 36 0.23 -0.55 3.43
N PRO A 37 -0.80 -0.34 4.26
CA PRO A 37 -0.75 -0.70 5.68
C PRO A 37 -0.88 -2.20 5.89
N SER A 38 -0.63 -2.64 7.13
CA SER A 38 -0.72 -4.05 7.48
C SER A 38 -0.40 -4.26 8.96
N LYS A 39 -1.06 -3.47 9.81
CA LYS A 39 -0.86 -3.58 11.25
C LYS A 39 -2.19 -3.60 11.98
N THR A 40 -2.15 -3.98 13.25
CA THR A 40 -3.35 -4.05 14.08
C THR A 40 -4.34 -5.06 13.52
N GLU A 41 -5.02 -5.78 14.41
CA GLU A 41 -5.98 -6.79 14.01
C GLU A 41 -6.81 -7.26 15.21
N GLN A 42 -7.73 -6.42 15.64
CA GLN A 42 -8.59 -6.73 16.77
C GLN A 42 -10.07 -6.67 16.38
N PRO A 43 -10.60 -7.75 15.80
CA PRO A 43 -12.00 -7.81 15.37
C PRO A 43 -12.96 -7.88 16.55
N ASP A 44 -14.25 -7.84 16.25
CA ASP A 44 -15.28 -7.89 17.29
C ASP A 44 -16.25 -9.04 17.04
N PHE A 45 -15.71 -10.19 16.68
CA PHE A 45 -16.54 -11.37 16.40
C PHE A 45 -15.89 -12.64 16.95
N PRO A 46 -14.65 -12.94 16.52
CA PRO A 46 -13.93 -14.14 16.96
C PRO A 46 -13.31 -13.95 18.34
N TRP A 47 -12.79 -15.05 18.91
CA TRP A 47 -12.17 -15.02 20.23
C TRP A 47 -13.18 -14.61 21.30
N ILE A 48 -13.35 -15.48 22.29
CA ILE A 48 -14.28 -15.21 23.38
C ILE A 48 -13.54 -15.19 24.72
N TRP A 49 -13.95 -14.29 25.60
CA TRP A 49 -13.33 -14.16 26.92
C TRP A 49 -11.87 -13.76 26.79
N VAL A 50 -11.51 -12.66 27.46
CA VAL A 50 -10.15 -12.16 27.42
C VAL A 50 -9.35 -12.63 28.64
N SER A 1 13.07 -14.49 -7.85
CA SER A 1 13.81 -14.40 -6.56
C SER A 1 13.25 -13.28 -5.69
N GLN A 2 13.23 -12.07 -6.23
CA GLN A 2 12.73 -10.91 -5.49
C GLN A 2 11.44 -10.39 -6.11
N GLY A 3 10.66 -9.67 -5.33
CA GLY A 3 9.41 -9.12 -5.82
C GLY A 3 9.62 -7.89 -6.70
N GLU A 4 8.53 -7.32 -7.17
CA GLU A 4 8.60 -6.13 -8.03
C GLU A 4 7.73 -5.01 -7.47
N CYS A 5 7.75 -4.86 -6.15
CA CYS A 5 6.98 -3.82 -5.48
C CYS A 5 7.64 -3.38 -4.18
N PRO A 6 8.50 -2.36 -4.24
CA PRO A 6 9.21 -1.85 -3.06
C PRO A 6 8.39 -0.82 -2.28
N GLU A 7 9.02 -0.17 -1.30
CA GLU A 7 8.35 0.84 -0.48
C GLU A 7 7.44 1.73 -1.34
N GLY A 8 6.30 2.09 -0.78
CA GLY A 8 5.34 2.91 -1.49
C GLY A 8 4.59 2.08 -2.50
N ARG A 9 4.32 0.84 -2.15
CA ARG A 9 3.61 -0.09 -3.03
C ARG A 9 2.21 -0.42 -2.52
N ALA A 10 1.45 -1.12 -3.35
CA ALA A 10 0.12 -1.57 -2.99
C ALA A 10 -0.43 -2.52 -4.04
N TYR A 11 -1.24 -3.47 -3.60
CA TYR A 11 -1.83 -4.46 -4.50
C TYR A 11 -3.35 -4.38 -4.45
N SER A 12 -3.97 -4.22 -5.61
CA SER A 12 -5.43 -4.13 -5.68
C SER A 12 -6.04 -5.46 -6.10
N GLN A 13 -6.66 -6.15 -5.14
CA GLN A 13 -7.28 -7.44 -5.41
C GLN A 13 -8.36 -7.30 -6.48
N ASP A 14 -8.94 -6.12 -6.58
CA ASP A 14 -9.99 -5.86 -7.57
C ASP A 14 -9.45 -6.09 -8.98
N LEU A 15 -8.35 -5.40 -9.30
CA LEU A 15 -7.72 -5.53 -10.60
C LEU A 15 -6.87 -6.79 -10.68
N GLY A 16 -6.41 -7.26 -9.52
CA GLY A 16 -5.59 -8.45 -9.47
C GLY A 16 -4.19 -8.21 -9.97
N LYS A 17 -3.55 -7.15 -9.46
CA LYS A 17 -2.19 -6.81 -9.86
C LYS A 17 -1.55 -5.85 -8.86
N CYS A 18 -0.22 -5.82 -8.85
CA CYS A 18 0.51 -4.95 -7.94
C CYS A 18 0.87 -3.63 -8.62
N MET A 19 1.02 -2.58 -7.81
CA MET A 19 1.36 -1.26 -8.32
C MET A 19 2.09 -0.47 -7.23
N GLU A 20 2.15 0.84 -7.37
CA GLU A 20 2.83 1.68 -6.39
C GLU A 20 1.84 2.52 -5.61
N CYS A 21 1.88 2.40 -4.29
CA CYS A 21 1.00 3.18 -3.44
C CYS A 21 1.20 4.66 -3.74
N SER A 22 2.39 4.99 -4.20
CA SER A 22 2.69 6.37 -4.58
C SER A 22 1.74 6.81 -5.68
N VAL A 23 1.19 5.84 -6.42
CA VAL A 23 0.25 6.15 -7.50
C VAL A 23 -0.89 7.03 -6.99
N CYS A 24 -1.21 6.86 -5.71
CA CYS A 24 -2.28 7.63 -5.09
C CYS A 24 -1.95 9.12 -5.06
N LYS A 25 -2.93 9.94 -4.73
CA LYS A 25 -2.74 11.38 -4.67
C LYS A 25 -2.89 11.89 -3.24
N ASN A 26 -4.13 12.07 -2.79
CA ASN A 26 -4.40 12.55 -1.44
C ASN A 26 -5.90 12.66 -1.19
N SER A 27 -6.65 11.70 -1.70
CA SER A 27 -8.10 11.69 -1.53
C SER A 27 -8.63 10.27 -1.36
N GLU A 28 -8.83 9.57 -2.48
CA GLU A 28 -9.34 8.20 -2.45
C GLU A 28 -9.43 7.63 -3.88
N LYS A 29 -10.45 6.81 -4.14
CA LYS A 29 -10.63 6.21 -5.46
C LYS A 29 -9.56 5.15 -5.72
N SER A 30 -9.22 4.39 -4.68
CA SER A 30 -8.21 3.34 -4.80
C SER A 30 -8.41 2.29 -3.71
N ASP A 31 -8.73 1.07 -4.14
CA ASP A 31 -8.94 -0.03 -3.20
C ASP A 31 -7.62 -0.73 -2.88
N PHE A 32 -6.53 -0.21 -3.45
CA PHE A 32 -5.21 -0.78 -3.23
C PHE A 32 -4.36 0.10 -2.34
N CYS A 33 -4.74 1.36 -2.20
CA CYS A 33 -4.01 2.25 -1.32
C CYS A 33 -4.12 1.77 0.11
N GLN A 34 -4.86 0.68 0.32
CA GLN A 34 -5.02 0.09 1.63
C GLN A 34 -3.85 -0.82 1.94
N ASN A 35 -3.12 -1.19 0.90
CA ASN A 35 -1.97 -2.06 1.03
C ASN A 35 -0.78 -1.33 1.63
N CYS A 36 -0.62 -0.06 1.23
CA CYS A 36 0.47 0.80 1.70
C CYS A 36 0.92 0.42 3.11
N PRO A 37 0.00 0.46 4.10
CA PRO A 37 0.31 0.11 5.48
C PRO A 37 0.35 -1.39 5.72
N SER A 38 1.17 -2.09 4.94
CA SER A 38 1.30 -3.53 5.06
C SER A 38 2.15 -3.90 6.26
N LYS A 39 3.29 -3.23 6.40
CA LYS A 39 4.21 -3.49 7.51
C LYS A 39 3.53 -3.24 8.85
N THR A 40 2.45 -2.46 8.83
CA THR A 40 1.72 -2.14 10.05
C THR A 40 0.34 -1.58 9.71
N GLU A 41 -0.69 -2.35 10.03
CA GLU A 41 -2.07 -1.92 9.78
C GLU A 41 -2.55 -0.95 10.84
N GLN A 42 -2.76 0.30 10.44
CA GLN A 42 -3.22 1.34 11.35
C GLN A 42 -4.69 1.68 11.09
N PRO A 43 -5.59 1.25 12.00
CA PRO A 43 -7.03 1.52 11.86
C PRO A 43 -7.32 3.00 11.61
N ASP A 44 -7.74 3.31 10.38
CA ASP A 44 -8.06 4.68 10.01
C ASP A 44 -8.96 4.72 8.78
N PHE A 45 -9.88 3.77 8.70
CA PHE A 45 -10.81 3.70 7.58
C PHE A 45 -12.18 4.26 7.95
N PRO A 46 -12.79 3.75 9.03
CA PRO A 46 -14.10 4.19 9.48
C PRO A 46 -14.01 5.47 10.32
N TRP A 47 -15.04 5.72 11.13
CA TRP A 47 -15.07 6.91 11.97
C TRP A 47 -14.65 6.56 13.40
N ILE A 48 -13.53 7.13 13.83
CA ILE A 48 -13.01 6.89 15.17
C ILE A 48 -13.46 7.97 16.15
N TRP A 49 -13.99 7.55 17.29
CA TRP A 49 -14.46 8.48 18.31
C TRP A 49 -14.95 7.73 19.54
N VAL A 50 -14.85 8.37 20.70
CA VAL A 50 -15.28 7.77 21.95
C VAL A 50 -16.46 8.53 22.55
N SER A 1 2.00 -5.01 -11.39
CA SER A 1 2.10 -5.85 -12.60
C SER A 1 3.03 -7.04 -12.37
N GLN A 2 2.57 -8.00 -11.58
CA GLN A 2 3.37 -9.20 -11.28
C GLN A 2 4.66 -8.82 -10.58
N GLY A 3 4.61 -8.72 -9.25
CA GLY A 3 5.79 -8.36 -8.49
C GLY A 3 6.36 -7.02 -8.90
N GLU A 4 7.69 -6.91 -8.88
CA GLU A 4 8.36 -5.68 -9.25
C GLU A 4 7.73 -4.47 -8.56
N CYS A 5 7.32 -4.66 -7.31
CA CYS A 5 6.70 -3.60 -6.53
C CYS A 5 7.22 -3.58 -5.10
N PRO A 6 8.23 -2.74 -4.81
CA PRO A 6 8.81 -2.63 -3.47
C PRO A 6 7.91 -1.82 -2.53
N GLU A 7 8.49 -1.31 -1.43
CA GLU A 7 7.73 -0.52 -0.48
C GLU A 7 7.03 0.64 -1.18
N GLY A 8 6.33 1.46 -0.40
CA GLY A 8 5.62 2.59 -0.98
C GLY A 8 4.74 2.15 -2.12
N ARG A 9 4.04 1.03 -1.93
CA ARG A 9 3.16 0.49 -2.96
C ARG A 9 1.89 -0.11 -2.36
N ALA A 10 1.01 -0.60 -3.24
CA ALA A 10 -0.22 -1.24 -2.80
C ALA A 10 -0.54 -2.44 -3.70
N TYR A 11 -1.71 -3.03 -3.51
CA TYR A 11 -2.14 -4.18 -4.30
C TYR A 11 -3.67 -4.19 -4.42
N SER A 12 -4.16 -4.03 -5.64
CA SER A 12 -5.60 -4.01 -5.86
C SER A 12 -6.14 -5.43 -6.05
N GLN A 13 -6.68 -5.98 -4.97
CA GLN A 13 -7.23 -7.33 -4.99
C GLN A 13 -8.30 -7.46 -6.08
N ASP A 14 -8.93 -6.34 -6.41
CA ASP A 14 -9.97 -6.33 -7.43
C ASP A 14 -9.36 -6.60 -8.80
N LEU A 15 -8.36 -5.81 -9.18
CA LEU A 15 -7.68 -5.96 -10.45
C LEU A 15 -6.75 -7.17 -10.42
N GLY A 16 -6.28 -7.52 -9.23
CA GLY A 16 -5.40 -8.65 -9.07
C GLY A 16 -3.99 -8.36 -9.52
N LYS A 17 -3.40 -7.29 -8.99
CA LYS A 17 -2.03 -6.92 -9.35
C LYS A 17 -1.49 -5.88 -8.39
N CYS A 18 -0.17 -5.88 -8.21
CA CYS A 18 0.48 -4.94 -7.30
C CYS A 18 1.01 -3.73 -8.06
N MET A 19 0.69 -2.54 -7.57
CA MET A 19 1.14 -1.30 -8.20
C MET A 19 1.95 -0.50 -7.19
N GLU A 20 2.08 0.80 -7.42
CA GLU A 20 2.85 1.65 -6.52
C GLU A 20 1.95 2.53 -5.66
N CYS A 21 2.50 2.99 -4.55
CA CYS A 21 1.78 3.86 -3.63
C CYS A 21 1.98 5.32 -4.03
N SER A 22 3.15 5.61 -4.58
CA SER A 22 3.45 6.96 -5.03
C SER A 22 2.36 7.46 -5.97
N VAL A 23 1.64 6.51 -6.57
CA VAL A 23 0.56 6.83 -7.49
C VAL A 23 -0.66 7.34 -6.72
N CYS A 24 -0.94 6.66 -5.63
CA CYS A 24 -2.06 7.00 -4.77
C CYS A 24 -1.93 8.42 -4.22
N LYS A 25 -3.05 9.01 -3.81
CA LYS A 25 -3.05 10.35 -3.27
C LYS A 25 -4.08 10.48 -2.14
N ASN A 26 -4.29 11.71 -1.68
CA ASN A 26 -5.24 11.96 -0.60
C ASN A 26 -6.61 12.37 -1.16
N SER A 27 -7.00 11.73 -2.26
CA SER A 27 -8.28 12.02 -2.89
C SER A 27 -8.51 11.10 -4.09
N GLU A 28 -8.09 9.85 -3.96
CA GLU A 28 -8.26 8.88 -5.03
C GLU A 28 -9.29 7.82 -4.66
N LYS A 29 -9.88 7.20 -5.67
CA LYS A 29 -10.89 6.17 -5.45
C LYS A 29 -10.34 4.78 -5.76
N SER A 30 -9.09 4.55 -5.37
CA SER A 30 -8.44 3.26 -5.59
C SER A 30 -8.70 2.31 -4.44
N ASP A 31 -8.99 1.05 -4.77
CA ASP A 31 -9.26 0.04 -3.75
C ASP A 31 -7.98 -0.62 -3.26
N PHE A 32 -6.85 -0.23 -3.83
CA PHE A 32 -5.56 -0.81 -3.45
C PHE A 32 -4.80 0.09 -2.48
N CYS A 33 -5.20 1.35 -2.38
CA CYS A 33 -4.53 2.25 -1.46
C CYS A 33 -4.66 1.75 -0.03
N GLN A 34 -5.32 0.60 0.15
CA GLN A 34 -5.49 0.01 1.45
C GLN A 34 -4.36 -0.98 1.72
N ASN A 35 -3.60 -1.30 0.69
CA ASN A 35 -2.50 -2.24 0.83
C ASN A 35 -1.22 -1.51 1.24
N CYS A 36 -1.07 -0.29 0.72
CA CYS A 36 0.09 0.54 1.02
C CYS A 36 0.27 0.76 2.52
N PRO A 37 -0.81 1.12 3.25
CA PRO A 37 -0.74 1.35 4.69
C PRO A 37 -0.42 0.07 5.46
N SER A 38 -0.69 0.09 6.76
CA SER A 38 -0.43 -1.07 7.61
C SER A 38 1.05 -1.45 7.59
N LYS A 39 1.91 -0.44 7.74
CA LYS A 39 3.35 -0.67 7.75
C LYS A 39 3.80 -1.31 6.43
N THR A 40 5.08 -1.67 6.36
CA THR A 40 5.64 -2.29 5.17
C THR A 40 6.75 -3.27 5.53
N GLU A 41 6.51 -4.55 5.30
CA GLU A 41 7.49 -5.58 5.60
C GLU A 41 7.06 -6.92 5.02
N GLN A 42 7.74 -7.35 3.96
CA GLN A 42 7.43 -8.62 3.30
C GLN A 42 8.69 -9.25 2.70
N PRO A 43 9.66 -9.63 3.56
CA PRO A 43 10.91 -10.24 3.11
C PRO A 43 10.68 -11.44 2.20
N ASP A 44 11.15 -11.33 0.97
CA ASP A 44 11.00 -12.41 0.00
C ASP A 44 11.78 -12.10 -1.29
N PHE A 45 13.11 -12.10 -1.17
CA PHE A 45 13.97 -11.83 -2.32
C PHE A 45 14.75 -13.08 -2.71
N PRO A 46 14.26 -13.84 -3.70
CA PRO A 46 14.93 -15.06 -4.17
C PRO A 46 16.26 -14.76 -4.87
N TRP A 47 16.98 -15.82 -5.20
CA TRP A 47 18.28 -15.67 -5.87
C TRP A 47 18.14 -14.88 -7.16
N ILE A 48 18.75 -13.70 -7.21
CA ILE A 48 18.70 -12.84 -8.38
C ILE A 48 19.05 -13.61 -9.66
N TRP A 49 18.65 -13.06 -10.80
CA TRP A 49 18.92 -13.69 -12.09
C TRP A 49 18.11 -14.96 -12.26
N VAL A 50 17.04 -14.88 -13.04
CA VAL A 50 16.18 -16.03 -13.28
C VAL A 50 16.78 -16.95 -14.36
N SER A 1 14.12 -9.35 -5.49
CA SER A 1 13.98 -10.72 -4.92
C SER A 1 12.51 -11.12 -4.84
N GLN A 2 11.75 -10.80 -5.88
CA GLN A 2 10.33 -11.12 -5.93
C GLN A 2 9.54 -10.33 -4.89
N GLY A 3 9.71 -10.71 -3.62
CA GLY A 3 9.02 -10.03 -2.54
C GLY A 3 7.51 -10.05 -2.71
N GLU A 4 6.81 -9.41 -1.79
CA GLU A 4 5.36 -9.36 -1.83
C GLU A 4 4.86 -7.91 -1.91
N CYS A 5 5.54 -7.11 -2.72
CA CYS A 5 5.17 -5.72 -2.90
C CYS A 5 5.28 -4.96 -1.58
N PRO A 6 6.50 -4.48 -1.24
CA PRO A 6 6.74 -3.74 0.01
C PRO A 6 5.97 -2.44 0.09
N GLU A 7 6.43 -1.54 0.96
CA GLU A 7 5.79 -0.24 1.14
C GLU A 7 5.87 0.59 -0.13
N GLY A 8 5.51 1.87 -0.03
CA GLY A 8 5.56 2.76 -1.19
C GLY A 8 4.83 2.17 -2.38
N ARG A 9 3.87 1.30 -2.11
CA ARG A 9 3.11 0.64 -3.15
C ARG A 9 1.95 -0.17 -2.56
N ALA A 10 1.14 -0.79 -3.42
CA ALA A 10 0.04 -1.60 -2.94
C ALA A 10 -0.38 -2.66 -3.96
N TYR A 11 -1.47 -3.36 -3.65
CA TYR A 11 -2.01 -4.41 -4.53
C TYR A 11 -3.53 -4.38 -4.50
N SER A 12 -4.13 -4.12 -5.65
CA SER A 12 -5.59 -4.06 -5.74
C SER A 12 -6.18 -5.44 -6.02
N GLN A 13 -6.77 -6.04 -4.99
CA GLN A 13 -7.37 -7.36 -5.12
C GLN A 13 -8.54 -7.33 -6.10
N ASP A 14 -9.12 -6.15 -6.30
CA ASP A 14 -10.23 -5.99 -7.23
C ASP A 14 -9.83 -6.46 -8.62
N LEU A 15 -8.70 -5.95 -9.10
CA LEU A 15 -8.20 -6.30 -10.41
C LEU A 15 -7.18 -7.44 -10.31
N GLY A 16 -6.61 -7.60 -9.13
CA GLY A 16 -5.63 -8.65 -8.92
C GLY A 16 -4.28 -8.31 -9.52
N LYS A 17 -3.80 -7.10 -9.23
CA LYS A 17 -2.51 -6.66 -9.75
C LYS A 17 -1.80 -5.77 -8.74
N CYS A 18 -0.47 -5.73 -8.82
CA CYS A 18 0.32 -4.91 -7.91
C CYS A 18 0.71 -3.59 -8.58
N MET A 19 0.53 -2.50 -7.86
CA MET A 19 0.86 -1.17 -8.37
C MET A 19 1.67 -0.40 -7.34
N GLU A 20 1.76 0.91 -7.51
CA GLU A 20 2.51 1.76 -6.59
C GLU A 20 1.59 2.62 -5.75
N CYS A 21 2.13 3.13 -4.65
CA CYS A 21 1.37 4.01 -3.77
C CYS A 21 1.43 5.43 -4.28
N SER A 22 2.53 5.76 -4.97
CA SER A 22 2.68 7.09 -5.54
C SER A 22 1.45 7.43 -6.36
N VAL A 23 0.76 6.40 -6.85
CA VAL A 23 -0.45 6.59 -7.63
C VAL A 23 -1.53 7.27 -6.80
N CYS A 24 -1.53 6.98 -5.51
CA CYS A 24 -2.51 7.55 -4.59
C CYS A 24 -2.31 9.05 -4.47
N LYS A 25 -1.21 9.46 -3.85
CA LYS A 25 -0.90 10.88 -3.68
C LYS A 25 -2.04 11.61 -2.96
N ASN A 26 -2.82 10.86 -2.18
CA ASN A 26 -3.94 11.44 -1.44
C ASN A 26 -4.88 12.20 -2.37
N SER A 27 -5.65 11.46 -3.17
CA SER A 27 -6.58 12.08 -4.10
C SER A 27 -7.51 11.03 -4.70
N GLU A 28 -6.95 9.96 -5.24
CA GLU A 28 -7.73 8.89 -5.84
C GLU A 28 -8.15 7.87 -4.79
N LYS A 29 -9.46 7.68 -4.65
CA LYS A 29 -9.98 6.72 -3.68
C LYS A 29 -9.77 5.28 -4.15
N SER A 30 -8.52 4.86 -4.16
CA SER A 30 -8.17 3.51 -4.60
C SER A 30 -8.48 2.50 -3.49
N ASP A 31 -8.67 1.25 -3.88
CA ASP A 31 -8.97 0.18 -2.93
C ASP A 31 -7.71 -0.58 -2.53
N PHE A 32 -6.60 -0.30 -3.22
CA PHE A 32 -5.34 -0.99 -2.95
C PHE A 32 -4.44 -0.18 -2.03
N CYS A 33 -4.69 1.10 -1.89
CA CYS A 33 -3.88 1.92 -1.00
C CYS A 33 -3.89 1.36 0.42
N GLN A 34 -4.67 0.31 0.63
CA GLN A 34 -4.74 -0.32 1.94
C GLN A 34 -3.63 -1.35 2.09
N ASN A 35 -3.02 -1.71 0.97
CA ASN A 35 -1.95 -2.69 0.96
C ASN A 35 -0.65 -2.07 1.47
N CYS A 36 -0.41 -0.84 1.04
CA CYS A 36 0.80 -0.09 1.42
C CYS A 36 1.22 -0.39 2.87
N PRO A 37 0.32 -0.16 3.85
CA PRO A 37 0.61 -0.42 5.26
C PRO A 37 0.82 -1.89 5.54
N SER A 38 2.08 -2.29 5.73
CA SER A 38 2.41 -3.68 6.00
C SER A 38 2.96 -3.85 7.41
N LYS A 39 4.18 -3.37 7.64
CA LYS A 39 4.81 -3.48 8.95
C LYS A 39 4.71 -2.17 9.71
N THR A 40 4.73 -2.27 11.05
CA THR A 40 4.65 -1.10 11.91
C THR A 40 3.56 -0.13 11.45
N GLU A 41 3.55 1.06 12.06
CA GLU A 41 2.57 2.08 11.73
C GLU A 41 3.15 3.47 11.97
N GLN A 42 2.28 4.47 12.05
CA GLN A 42 2.72 5.85 12.29
C GLN A 42 1.85 6.53 13.35
N PRO A 43 1.85 6.02 14.59
CA PRO A 43 1.07 6.60 15.69
C PRO A 43 1.55 7.99 16.07
N ASP A 44 1.09 9.00 15.33
CA ASP A 44 1.48 10.39 15.59
C ASP A 44 2.98 10.52 15.79
N PHE A 45 3.73 9.72 15.03
CA PHE A 45 5.19 9.73 15.12
C PHE A 45 5.80 10.42 13.89
N PRO A 46 6.74 11.35 14.09
CA PRO A 46 7.39 12.07 13.00
C PRO A 46 8.45 11.22 12.30
N TRP A 47 8.68 11.51 11.02
CA TRP A 47 9.66 10.78 10.23
C TRP A 47 9.29 9.30 10.14
N ILE A 48 9.04 8.84 8.92
CA ILE A 48 8.67 7.45 8.68
C ILE A 48 9.92 6.56 8.68
N TRP A 49 9.78 5.38 9.26
CA TRP A 49 10.89 4.44 9.34
C TRP A 49 10.41 3.01 9.13
N VAL A 50 11.35 2.08 9.02
CA VAL A 50 11.02 0.67 8.82
C VAL A 50 12.12 -0.23 9.38
N SER A 1 11.94 -12.85 -4.82
CA SER A 1 11.26 -13.02 -3.52
C SER A 1 10.58 -11.73 -3.07
N GLN A 2 9.89 -11.08 -4.00
CA GLN A 2 9.20 -9.83 -3.70
C GLN A 2 8.16 -9.52 -4.76
N GLY A 3 8.54 -9.67 -6.03
CA GLY A 3 7.62 -9.41 -7.13
C GLY A 3 8.08 -8.23 -7.98
N GLU A 4 7.14 -7.64 -8.71
CA GLU A 4 7.45 -6.50 -9.57
C GLU A 4 6.91 -5.21 -8.98
N CYS A 5 6.94 -5.12 -7.66
CA CYS A 5 6.45 -3.93 -6.95
C CYS A 5 7.16 -3.78 -5.60
N PRO A 6 8.16 -2.88 -5.51
CA PRO A 6 8.90 -2.64 -4.27
C PRO A 6 8.07 -1.89 -3.24
N GLU A 7 8.73 -1.41 -2.18
CA GLU A 7 8.05 -0.66 -1.13
C GLU A 7 7.29 0.52 -1.70
N GLY A 8 6.66 1.29 -0.82
CA GLY A 8 5.89 2.44 -1.26
C GLY A 8 4.92 2.06 -2.35
N ARG A 9 4.27 0.92 -2.18
CA ARG A 9 3.31 0.42 -3.17
C ARG A 9 2.09 -0.21 -2.49
N ALA A 10 1.16 -0.68 -3.33
CA ALA A 10 -0.03 -1.36 -2.84
C ALA A 10 -0.41 -2.50 -3.78
N TYR A 11 -1.58 -3.09 -3.57
CA TYR A 11 -2.05 -4.20 -4.40
C TYR A 11 -3.57 -4.20 -4.46
N SER A 12 -4.12 -3.99 -5.65
CA SER A 12 -5.55 -3.95 -5.84
C SER A 12 -6.12 -5.35 -6.07
N GLN A 13 -6.74 -5.91 -5.03
CA GLN A 13 -7.33 -7.23 -5.12
C GLN A 13 -8.42 -7.27 -6.17
N ASP A 14 -9.06 -6.13 -6.39
CA ASP A 14 -10.13 -6.03 -7.38
C ASP A 14 -9.58 -6.34 -8.77
N LEU A 15 -8.55 -5.62 -9.16
CA LEU A 15 -7.92 -5.82 -10.46
C LEU A 15 -6.98 -7.02 -10.43
N GLY A 16 -6.51 -7.36 -9.23
CA GLY A 16 -5.62 -8.49 -9.07
C GLY A 16 -4.22 -8.19 -9.58
N LYS A 17 -3.67 -7.05 -9.17
CA LYS A 17 -2.33 -6.66 -9.60
C LYS A 17 -1.69 -5.74 -8.57
N CYS A 18 -0.38 -5.55 -8.68
CA CYS A 18 0.34 -4.68 -7.76
C CYS A 18 0.80 -3.41 -8.45
N MET A 19 0.52 -2.27 -7.83
CA MET A 19 0.92 -0.97 -8.38
C MET A 19 1.79 -0.25 -7.36
N GLU A 20 1.92 1.06 -7.51
CA GLU A 20 2.73 1.84 -6.59
C GLU A 20 1.89 2.66 -5.63
N CYS A 21 2.50 3.02 -4.51
CA CYS A 21 1.83 3.82 -3.50
C CYS A 21 2.00 5.30 -3.82
N SER A 22 3.11 5.63 -4.48
CA SER A 22 3.37 7.00 -4.87
C SER A 22 2.21 7.53 -5.71
N VAL A 23 1.46 6.60 -6.32
CA VAL A 23 0.33 6.96 -7.15
C VAL A 23 -0.82 7.50 -6.30
N CYS A 24 -0.88 7.05 -5.05
CA CYS A 24 -1.93 7.47 -4.13
C CYS A 24 -1.74 8.93 -3.74
N LYS A 25 -2.05 9.83 -4.66
CA LYS A 25 -1.92 11.27 -4.41
C LYS A 25 -2.95 12.06 -5.19
N ASN A 26 -4.23 11.79 -4.91
CA ASN A 26 -5.32 12.48 -5.60
C ASN A 26 -6.65 12.25 -4.86
N SER A 27 -7.58 13.18 -5.04
CA SER A 27 -8.89 13.09 -4.41
C SER A 27 -9.66 11.89 -4.95
N GLU A 28 -9.56 10.76 -4.26
CA GLU A 28 -10.25 9.54 -4.67
C GLU A 28 -10.27 8.52 -3.53
N LYS A 29 -10.81 7.34 -3.82
CA LYS A 29 -10.88 6.28 -2.84
C LYS A 29 -10.28 4.98 -3.37
N SER A 30 -8.95 4.93 -3.41
CA SER A 30 -8.24 3.76 -3.90
C SER A 30 -8.45 2.58 -2.96
N ASP A 31 -8.76 1.42 -3.54
CA ASP A 31 -8.98 0.20 -2.75
C ASP A 31 -7.66 -0.49 -2.44
N PHE A 32 -6.68 -0.32 -3.32
CA PHE A 32 -5.37 -0.94 -3.14
C PHE A 32 -4.51 -0.15 -2.17
N CYS A 33 -4.82 1.11 -1.97
CA CYS A 33 -4.07 1.92 -1.02
C CYS A 33 -4.14 1.31 0.36
N GLN A 34 -4.86 0.19 0.50
CA GLN A 34 -4.96 -0.51 1.75
C GLN A 34 -3.79 -1.44 1.94
N ASN A 35 -3.14 -1.75 0.83
CA ASN A 35 -1.99 -2.65 0.84
C ASN A 35 -0.71 -1.89 1.22
N CYS A 36 -0.64 -0.65 0.79
CA CYS A 36 0.52 0.20 1.06
C CYS A 36 0.84 0.25 2.56
N PRO A 37 -0.15 0.55 3.42
CA PRO A 37 0.05 0.61 4.87
C PRO A 37 0.91 -0.54 5.39
N SER A 38 1.89 -0.19 6.22
CA SER A 38 2.79 -1.19 6.79
C SER A 38 2.01 -2.24 7.59
N LYS A 39 2.08 -3.49 7.14
CA LYS A 39 1.39 -4.58 7.81
C LYS A 39 1.77 -5.92 7.19
N THR A 40 2.82 -6.54 7.72
CA THR A 40 3.28 -7.83 7.22
C THR A 40 4.18 -8.51 8.25
N GLU A 41 4.13 -9.84 8.29
CA GLU A 41 4.95 -10.61 9.23
C GLU A 41 5.81 -11.63 8.48
N GLN A 42 6.64 -11.14 7.57
CA GLN A 42 7.51 -12.01 6.80
C GLN A 42 8.57 -12.66 7.68
N PRO A 43 9.44 -11.85 8.31
CA PRO A 43 10.50 -12.36 9.19
C PRO A 43 9.94 -13.07 10.42
N ASP A 44 10.83 -13.71 11.18
CA ASP A 44 10.42 -14.43 12.37
C ASP A 44 11.43 -14.22 13.50
N PHE A 45 11.85 -12.98 13.68
CA PHE A 45 12.81 -12.64 14.73
C PHE A 45 12.41 -11.33 15.43
N PRO A 46 12.34 -11.35 16.77
CA PRO A 46 11.97 -10.16 17.54
C PRO A 46 12.84 -8.94 17.20
N TRP A 47 12.20 -7.82 16.93
CA TRP A 47 12.91 -6.60 16.58
C TRP A 47 12.52 -5.46 17.52
N ILE A 48 13.31 -4.40 17.51
CA ILE A 48 13.05 -3.23 18.36
C ILE A 48 12.12 -2.25 17.64
N TRP A 49 11.83 -1.13 18.29
CA TRP A 49 10.96 -0.11 17.71
C TRP A 49 9.51 -0.58 17.71
N VAL A 50 8.74 -0.11 18.69
CA VAL A 50 7.33 -0.47 18.80
C VAL A 50 7.12 -1.98 18.64
N SER A 1 -2.06 -13.98 -8.01
CA SER A 1 -1.37 -14.29 -6.73
C SER A 1 -0.17 -13.38 -6.52
N GLN A 2 -0.27 -12.49 -5.52
CA GLN A 2 0.82 -11.57 -5.22
C GLN A 2 0.77 -11.15 -3.75
N GLY A 3 1.57 -11.80 -2.91
CA GLY A 3 1.60 -11.47 -1.50
C GLY A 3 2.94 -10.91 -1.07
N GLU A 4 3.59 -10.18 -1.97
CA GLU A 4 4.89 -9.58 -1.67
C GLU A 4 4.89 -8.08 -1.94
N CYS A 5 3.80 -7.42 -1.54
CA CYS A 5 3.68 -5.98 -1.75
C CYS A 5 3.90 -5.22 -0.43
N PRO A 6 5.16 -4.86 -0.13
CA PRO A 6 5.50 -4.14 1.11
C PRO A 6 5.01 -2.70 1.10
N GLU A 7 5.51 -1.90 2.04
CA GLU A 7 5.13 -0.50 2.15
C GLU A 7 5.44 0.25 0.85
N GLY A 8 5.18 1.55 0.86
CA GLY A 8 5.43 2.37 -0.32
C GLY A 8 4.85 1.74 -1.58
N ARG A 9 3.82 0.93 -1.40
CA ARG A 9 3.17 0.25 -2.50
C ARG A 9 1.98 -0.57 -2.01
N ALA A 10 1.16 -1.07 -2.93
CA ALA A 10 0.03 -1.88 -2.55
C ALA A 10 -0.37 -2.88 -3.64
N TYR A 11 -1.50 -3.57 -3.39
CA TYR A 11 -2.03 -4.56 -4.33
C TYR A 11 -3.53 -4.34 -4.49
N SER A 12 -3.96 -3.96 -5.68
CA SER A 12 -5.37 -3.71 -5.93
C SER A 12 -6.09 -5.01 -6.29
N GLN A 13 -6.85 -5.53 -5.33
CA GLN A 13 -7.60 -6.77 -5.52
C GLN A 13 -8.62 -6.61 -6.62
N ASP A 14 -9.09 -5.38 -6.81
CA ASP A 14 -10.08 -5.09 -7.85
C ASP A 14 -9.52 -5.42 -9.23
N LEU A 15 -8.31 -4.92 -9.51
CA LEU A 15 -7.65 -5.16 -10.77
C LEU A 15 -6.89 -6.49 -10.74
N GLY A 16 -6.45 -6.85 -9.55
CA GLY A 16 -5.71 -8.10 -9.38
C GLY A 16 -4.24 -7.97 -9.78
N LYS A 17 -3.58 -6.94 -9.26
CA LYS A 17 -2.17 -6.72 -9.56
C LYS A 17 -1.50 -5.84 -8.52
N CYS A 18 -0.19 -6.01 -8.36
CA CYS A 18 0.57 -5.21 -7.40
C CYS A 18 1.06 -3.91 -8.03
N MET A 19 0.82 -2.80 -7.34
CA MET A 19 1.24 -1.50 -7.84
C MET A 19 2.00 -0.75 -6.74
N GLU A 20 2.17 0.55 -6.91
CA GLU A 20 2.89 1.36 -5.93
C GLU A 20 1.98 2.33 -5.19
N CYS A 21 2.46 2.83 -4.06
CA CYS A 21 1.72 3.79 -3.27
C CYS A 21 1.81 5.16 -3.90
N SER A 22 2.94 5.41 -4.58
CA SER A 22 3.14 6.68 -5.26
C SER A 22 1.95 6.94 -6.17
N VAL A 23 1.28 5.86 -6.59
CA VAL A 23 0.12 5.99 -7.45
C VAL A 23 -1.05 6.62 -6.71
N CYS A 24 -1.09 6.38 -5.40
CA CYS A 24 -2.16 6.93 -4.55
C CYS A 24 -1.99 8.43 -4.39
N LYS A 25 -3.00 9.07 -3.80
CA LYS A 25 -2.97 10.51 -3.57
C LYS A 25 -3.06 11.29 -4.89
N ASN A 26 -2.05 11.12 -5.75
CA ASN A 26 -2.01 11.82 -7.03
C ASN A 26 -3.37 11.76 -7.74
N SER A 27 -3.77 10.56 -8.14
CA SER A 27 -5.04 10.36 -8.83
C SER A 27 -5.47 8.90 -8.80
N GLU A 28 -6.57 8.60 -9.47
CA GLU A 28 -7.09 7.23 -9.52
C GLU A 28 -7.47 6.74 -8.13
N LYS A 29 -8.76 6.82 -7.81
CA LYS A 29 -9.26 6.38 -6.52
C LYS A 29 -9.18 4.85 -6.39
N SER A 30 -7.96 4.34 -6.27
CA SER A 30 -7.75 2.89 -6.15
C SER A 30 -8.07 2.42 -4.74
N ASP A 31 -8.48 1.16 -4.63
CA ASP A 31 -8.81 0.57 -3.33
C ASP A 31 -7.66 -0.27 -2.80
N PHE A 32 -6.47 -0.05 -3.35
CA PHE A 32 -5.29 -0.81 -2.93
C PHE A 32 -4.43 -0.03 -1.96
N CYS A 33 -4.64 1.27 -1.85
CA CYS A 33 -3.87 2.07 -0.91
C CYS A 33 -4.03 1.56 0.51
N GLN A 34 -4.84 0.50 0.67
CA GLN A 34 -5.06 -0.09 1.98
C GLN A 34 -4.02 -1.18 2.21
N ASN A 35 -3.33 -1.57 1.14
CA ASN A 35 -2.31 -2.60 1.24
C ASN A 35 -1.01 -2.00 1.77
N CYS A 36 -0.71 -0.80 1.28
CA CYS A 36 0.49 -0.06 1.67
C CYS A 36 0.79 -0.21 3.17
N PRO A 37 -0.18 0.10 4.05
CA PRO A 37 0.02 -0.02 5.50
C PRO A 37 0.51 -1.40 5.90
N SER A 38 1.61 -1.44 6.64
CA SER A 38 2.17 -2.71 7.08
C SER A 38 2.74 -2.59 8.50
N LYS A 39 2.72 -3.70 9.24
CA LYS A 39 3.23 -3.72 10.60
C LYS A 39 4.74 -3.51 10.63
N THR A 40 5.16 -2.32 11.03
CA THR A 40 6.58 -1.99 11.10
C THR A 40 6.79 -0.63 11.76
N GLU A 41 5.92 0.32 11.43
CA GLU A 41 6.02 1.67 11.99
C GLU A 41 7.29 2.37 11.52
N GLN A 42 7.11 3.46 10.77
CA GLN A 42 8.25 4.22 10.26
C GLN A 42 8.88 5.07 11.36
N PRO A 43 10.16 4.83 11.69
CA PRO A 43 10.86 5.59 12.73
C PRO A 43 10.70 7.10 12.56
N ASP A 44 10.78 7.83 13.67
CA ASP A 44 10.65 9.28 13.63
C ASP A 44 10.88 9.87 15.02
N PHE A 45 12.13 9.82 15.48
CA PHE A 45 12.48 10.36 16.79
C PHE A 45 14.00 10.55 16.91
N PRO A 46 14.77 9.45 16.87
CA PRO A 46 16.23 9.51 16.97
C PRO A 46 16.84 10.45 15.94
N TRP A 47 16.96 11.73 16.30
CA TRP A 47 17.52 12.72 15.39
C TRP A 47 18.74 13.40 16.02
N ILE A 48 19.30 12.73 16.99
CA ILE A 48 20.48 13.22 17.69
C ILE A 48 21.76 12.77 17.00
N TRP A 49 22.67 13.72 16.79
CA TRP A 49 23.94 13.42 16.12
C TRP A 49 23.72 12.87 14.72
N VAL A 50 23.87 13.74 13.73
CA VAL A 50 23.67 13.34 12.34
C VAL A 50 24.80 13.87 11.45
N SER A 1 4.84 -16.69 -6.22
CA SER A 1 3.96 -16.41 -5.07
C SER A 1 3.84 -14.91 -4.81
N GLN A 2 2.72 -14.50 -4.22
CA GLN A 2 2.49 -13.10 -3.92
C GLN A 2 2.89 -12.76 -2.49
N GLY A 3 2.66 -11.52 -2.09
CA GLY A 3 3.01 -11.10 -0.74
C GLY A 3 4.34 -10.36 -0.68
N GLU A 4 4.63 -9.60 -1.73
CA GLU A 4 5.87 -8.84 -1.80
C GLU A 4 5.61 -7.42 -2.28
N CYS A 5 4.65 -6.76 -1.65
CA CYS A 5 4.29 -5.39 -2.01
C CYS A 5 4.21 -4.49 -0.78
N PRO A 6 5.28 -4.47 0.05
CA PRO A 6 5.32 -3.66 1.28
C PRO A 6 5.83 -2.24 1.03
N GLU A 7 4.99 -1.26 1.36
CA GLU A 7 5.34 0.16 1.22
C GLU A 7 5.78 0.50 -0.21
N GLY A 8 5.59 1.76 -0.58
CA GLY A 8 5.96 2.21 -1.90
C GLY A 8 5.07 1.65 -3.00
N ARG A 9 4.08 0.86 -2.62
CA ARG A 9 3.17 0.24 -3.59
C ARG A 9 2.03 -0.47 -2.85
N ALA A 10 1.02 -0.92 -3.60
CA ALA A 10 -0.09 -1.63 -2.99
C ALA A 10 -0.60 -2.79 -3.87
N TYR A 11 -1.67 -3.43 -3.40
CA TYR A 11 -2.28 -4.56 -4.11
C TYR A 11 -3.79 -4.38 -4.20
N SER A 12 -4.30 -4.16 -5.40
CA SER A 12 -5.74 -3.98 -5.59
C SER A 12 -6.42 -5.28 -5.96
N GLN A 13 -7.07 -5.90 -4.99
CA GLN A 13 -7.77 -7.15 -5.20
C GLN A 13 -8.81 -7.01 -6.30
N ASP A 14 -9.32 -5.80 -6.48
CA ASP A 14 -10.32 -5.53 -7.50
C ASP A 14 -9.74 -5.81 -8.88
N LEU A 15 -8.54 -5.28 -9.13
CA LEU A 15 -7.88 -5.47 -10.41
C LEU A 15 -7.11 -6.80 -10.44
N GLY A 16 -6.69 -7.23 -9.26
CA GLY A 16 -5.96 -8.48 -9.14
C GLY A 16 -4.50 -8.34 -9.52
N LYS A 17 -3.84 -7.31 -8.97
CA LYS A 17 -2.43 -7.07 -9.25
C LYS A 17 -1.86 -6.03 -8.30
N CYS A 18 -0.53 -5.94 -8.26
CA CYS A 18 0.14 -4.98 -7.39
C CYS A 18 0.58 -3.75 -8.17
N MET A 19 0.08 -2.58 -7.76
CA MET A 19 0.42 -1.34 -8.39
C MET A 19 1.17 -0.47 -7.38
N GLU A 20 1.90 0.52 -7.86
CA GLU A 20 2.66 1.39 -6.99
C GLU A 20 1.78 2.27 -6.13
N CYS A 21 2.39 2.82 -5.10
CA CYS A 21 1.71 3.71 -4.18
C CYS A 21 1.77 5.13 -4.72
N SER A 22 2.83 5.43 -5.46
CA SER A 22 2.99 6.74 -6.07
C SER A 22 1.70 7.12 -6.79
N VAL A 23 0.97 6.10 -7.23
CA VAL A 23 -0.29 6.32 -7.93
C VAL A 23 -1.26 7.12 -7.04
N CYS A 24 -1.15 6.92 -5.74
CA CYS A 24 -2.00 7.60 -4.78
C CYS A 24 -1.17 8.17 -3.62
N LYS A 25 -1.36 9.46 -3.34
CA LYS A 25 -0.63 10.10 -2.25
C LYS A 25 -1.44 11.26 -1.67
N ASN A 26 -1.93 12.15 -2.54
CA ASN A 26 -2.72 13.29 -2.11
C ASN A 26 -4.20 12.98 -2.19
N SER A 27 -4.66 12.61 -3.38
CA SER A 27 -6.06 12.29 -3.61
C SER A 27 -6.28 10.77 -3.57
N GLU A 28 -5.89 10.15 -2.46
CA GLU A 28 -6.03 8.71 -2.30
C GLU A 28 -7.47 8.27 -2.53
N LYS A 29 -7.73 7.65 -3.68
CA LYS A 29 -9.07 7.18 -4.02
C LYS A 29 -9.02 5.76 -4.55
N SER A 30 -8.12 4.95 -3.98
CA SER A 30 -7.98 3.56 -4.39
C SER A 30 -8.29 2.63 -3.23
N ASP A 31 -8.59 1.37 -3.55
CA ASP A 31 -8.91 0.38 -2.53
C ASP A 31 -7.66 -0.39 -2.10
N PHE A 32 -6.56 -0.21 -2.84
CA PHE A 32 -5.32 -0.92 -2.53
C PHE A 32 -4.32 -0.08 -1.77
N CYS A 33 -4.52 1.23 -1.72
CA CYS A 33 -3.59 2.08 -0.97
C CYS A 33 -3.54 1.65 0.49
N GLN A 34 -4.32 0.62 0.85
CA GLN A 34 -4.33 0.10 2.20
C GLN A 34 -3.28 -1.00 2.32
N ASN A 35 -2.76 -1.44 1.18
CA ASN A 35 -1.74 -2.48 1.18
C ASN A 35 -0.38 -1.86 1.46
N CYS A 36 -0.16 -0.71 0.83
CA CYS A 36 1.08 0.05 0.97
C CYS A 36 1.67 -0.04 2.38
N PRO A 37 0.86 0.24 3.43
CA PRO A 37 1.32 0.19 4.82
C PRO A 37 1.84 -1.20 5.20
N SER A 38 3.16 -1.31 5.33
CA SER A 38 3.78 -2.59 5.68
C SER A 38 3.48 -2.94 7.13
N LYS A 39 4.05 -2.17 8.06
CA LYS A 39 3.84 -2.40 9.48
C LYS A 39 4.56 -1.35 10.31
N THR A 40 4.03 -1.07 11.50
CA THR A 40 4.62 -0.08 12.40
C THR A 40 6.02 -0.52 12.83
N GLU A 41 7.01 -0.21 12.01
CA GLU A 41 8.40 -0.56 12.32
C GLU A 41 9.32 0.64 12.18
N GLN A 42 9.18 1.60 13.08
CA GLN A 42 10.01 2.80 13.06
C GLN A 42 11.23 2.64 13.96
N PRO A 43 12.39 3.19 13.54
CA PRO A 43 13.63 3.10 14.33
C PRO A 43 13.58 3.91 15.62
N ASP A 44 12.60 3.60 16.46
CA ASP A 44 12.45 4.31 17.74
C ASP A 44 12.44 5.82 17.53
N PHE A 45 11.80 6.27 16.47
CA PHE A 45 11.72 7.69 16.15
C PHE A 45 10.38 8.27 16.59
N PRO A 46 10.35 8.94 17.77
CA PRO A 46 9.12 9.54 18.30
C PRO A 46 8.72 10.79 17.53
N TRP A 47 8.44 10.62 16.24
CA TRP A 47 8.03 11.74 15.39
C TRP A 47 9.11 12.82 15.36
N ILE A 48 8.88 13.86 14.56
CA ILE A 48 9.83 14.96 14.46
C ILE A 48 9.42 16.12 15.35
N TRP A 49 10.41 16.92 15.75
CA TRP A 49 10.17 18.07 16.62
C TRP A 49 11.16 19.19 16.33
N VAL A 50 10.81 20.40 16.74
CA VAL A 50 11.68 21.55 16.53
C VAL A 50 11.62 22.52 17.71
N SER A 1 -1.67 -15.12 -4.85
CA SER A 1 -1.73 -16.05 -3.70
C SER A 1 -1.67 -15.29 -2.38
N GLN A 2 -0.89 -14.22 -2.36
CA GLN A 2 -0.74 -13.40 -1.16
C GLN A 2 -0.21 -12.01 -1.52
N GLY A 3 -0.67 -11.00 -0.78
CA GLY A 3 -0.23 -9.64 -1.03
C GLY A 3 1.25 -9.44 -0.72
N GLU A 4 2.08 -9.54 -1.75
CA GLU A 4 3.52 -9.38 -1.59
C GLU A 4 4.00 -8.11 -2.30
N CYS A 5 3.20 -7.06 -2.24
CA CYS A 5 3.54 -5.79 -2.88
C CYS A 5 3.32 -4.61 -1.93
N PRO A 6 3.78 -4.71 -0.67
CA PRO A 6 3.62 -3.65 0.32
C PRO A 6 4.77 -2.64 0.30
N GLU A 7 4.68 -1.65 1.18
CA GLU A 7 5.69 -0.61 1.31
C GLU A 7 6.00 0.08 -0.01
N GLY A 8 5.71 1.38 -0.06
CA GLY A 8 5.95 2.16 -1.27
C GLY A 8 5.09 1.72 -2.43
N ARG A 9 4.20 0.77 -2.18
CA ARG A 9 3.32 0.26 -3.23
C ARG A 9 2.18 -0.56 -2.65
N ALA A 10 1.08 -0.66 -3.39
CA ALA A 10 -0.07 -1.42 -2.94
C ALA A 10 -0.40 -2.58 -3.88
N TYR A 11 -1.32 -3.44 -3.45
CA TYR A 11 -1.77 -4.59 -4.23
C TYR A 11 -3.29 -4.65 -4.27
N SER A 12 -3.86 -4.52 -5.46
CA SER A 12 -5.31 -4.53 -5.61
C SER A 12 -5.83 -5.93 -5.93
N GLN A 13 -6.76 -6.42 -5.12
CA GLN A 13 -7.33 -7.74 -5.32
C GLN A 13 -8.33 -7.71 -6.47
N ASP A 14 -8.95 -6.56 -6.69
CA ASP A 14 -9.93 -6.40 -7.76
C ASP A 14 -9.27 -6.58 -9.12
N LEU A 15 -8.27 -5.75 -9.39
CA LEU A 15 -7.55 -5.80 -10.66
C LEU A 15 -6.64 -7.03 -10.74
N GLY A 16 -6.29 -7.56 -9.58
CA GLY A 16 -5.43 -8.73 -9.53
C GLY A 16 -3.98 -8.39 -9.80
N LYS A 17 -3.48 -7.36 -9.14
CA LYS A 17 -2.09 -6.94 -9.30
C LYS A 17 -1.73 -5.89 -8.25
N CYS A 18 -0.54 -5.32 -8.37
CA CYS A 18 -0.10 -4.31 -7.40
C CYS A 18 0.55 -3.13 -8.10
N MET A 19 0.22 -1.94 -7.61
CA MET A 19 0.77 -0.70 -8.15
C MET A 19 1.36 0.13 -7.01
N GLU A 20 2.28 1.02 -7.35
CA GLU A 20 2.95 1.85 -6.35
C GLU A 20 1.99 2.59 -5.45
N CYS A 21 2.57 3.23 -4.45
CA CYS A 21 1.84 4.02 -3.47
C CYS A 21 1.75 5.47 -3.93
N SER A 22 2.81 5.92 -4.59
CA SER A 22 2.86 7.28 -5.11
C SER A 22 1.61 7.57 -5.95
N VAL A 23 0.97 6.51 -6.44
CA VAL A 23 -0.23 6.66 -7.25
C VAL A 23 -1.39 7.18 -6.40
N CYS A 24 -1.37 6.85 -5.11
CA CYS A 24 -2.41 7.29 -4.19
C CYS A 24 -2.27 8.78 -3.88
N LYS A 25 -3.18 9.57 -4.43
CA LYS A 25 -3.17 11.02 -4.21
C LYS A 25 -4.25 11.42 -3.22
N ASN A 26 -4.51 12.72 -3.12
CA ASN A 26 -5.53 13.24 -2.22
C ASN A 26 -6.93 12.98 -2.77
N SER A 27 -7.04 12.89 -4.09
CA SER A 27 -8.33 12.65 -4.73
C SER A 27 -8.56 11.16 -4.96
N GLU A 28 -7.49 10.45 -5.34
CA GLU A 28 -7.57 9.02 -5.60
C GLU A 28 -7.87 8.25 -4.32
N LYS A 29 -8.60 7.15 -4.45
CA LYS A 29 -8.96 6.31 -3.30
C LYS A 29 -9.13 4.86 -3.74
N SER A 30 -8.03 4.23 -4.16
CA SER A 30 -8.06 2.85 -4.60
C SER A 30 -8.24 1.89 -3.41
N ASP A 31 -8.73 0.69 -3.71
CA ASP A 31 -8.94 -0.32 -2.68
C ASP A 31 -7.63 -0.91 -2.19
N PHE A 32 -6.57 -0.72 -2.98
CA PHE A 32 -5.26 -1.24 -2.64
C PHE A 32 -4.42 -0.23 -1.89
N CYS A 33 -4.85 1.01 -1.85
CA CYS A 33 -4.11 2.04 -1.12
C CYS A 33 -3.93 1.66 0.34
N GLN A 34 -4.44 0.50 0.73
CA GLN A 34 -4.29 0.04 2.09
C GLN A 34 -3.12 -0.92 2.19
N ASN A 35 -2.56 -1.28 1.05
CA ASN A 35 -1.42 -2.20 1.02
C ASN A 35 -0.11 -1.42 0.98
N CYS A 36 -0.13 -0.30 0.28
CA CYS A 36 1.05 0.55 0.14
C CYS A 36 1.43 1.30 1.43
N PRO A 37 0.46 1.63 2.29
CA PRO A 37 0.75 2.34 3.55
C PRO A 37 1.81 1.63 4.39
N SER A 38 2.04 2.13 5.59
CA SER A 38 3.03 1.54 6.49
C SER A 38 4.43 1.67 5.91
N LYS A 39 5.36 2.17 6.71
CA LYS A 39 6.74 2.34 6.27
C LYS A 39 6.82 3.33 5.11
N THR A 40 8.00 3.43 4.50
CA THR A 40 8.21 4.33 3.38
C THR A 40 8.01 5.78 3.80
N GLU A 41 9.01 6.35 4.47
CA GLU A 41 8.95 7.72 4.94
C GLU A 41 10.34 8.25 5.29
N GLN A 42 11.17 8.42 4.27
CA GLN A 42 12.54 8.91 4.47
C GLN A 42 12.95 9.84 3.32
N PRO A 43 13.70 10.91 3.64
CA PRO A 43 14.16 11.87 2.62
C PRO A 43 14.92 11.19 1.49
N ASP A 44 14.29 11.09 0.33
CA ASP A 44 14.91 10.46 -0.83
C ASP A 44 14.34 11.03 -2.12
N PHE A 45 14.20 12.35 -2.17
CA PHE A 45 13.66 13.01 -3.35
C PHE A 45 14.56 12.74 -4.57
N PRO A 46 13.97 12.23 -5.67
CA PRO A 46 14.72 11.93 -6.90
C PRO A 46 15.20 13.20 -7.60
N TRP A 47 15.67 13.04 -8.83
CA TRP A 47 16.16 14.16 -9.63
C TRP A 47 15.04 15.15 -9.91
N ILE A 48 15.38 16.44 -9.91
CA ILE A 48 14.40 17.50 -10.17
C ILE A 48 14.06 17.56 -11.66
N TRP A 49 12.82 17.91 -11.96
CA TRP A 49 12.36 18.02 -13.34
C TRP A 49 12.47 16.69 -14.06
N VAL A 50 11.77 16.58 -15.19
CA VAL A 50 11.78 15.35 -15.99
C VAL A 50 11.72 14.09 -15.12
N SER A 1 0.25 -14.05 -8.05
CA SER A 1 1.26 -15.12 -7.85
C SER A 1 2.02 -14.91 -6.54
N GLN A 2 2.38 -13.67 -6.26
CA GLN A 2 3.11 -13.35 -5.03
C GLN A 2 2.58 -12.06 -4.41
N GLY A 3 2.27 -12.12 -3.12
CA GLY A 3 1.76 -10.96 -2.42
C GLY A 3 2.76 -10.40 -1.42
N GLU A 4 3.79 -9.73 -1.91
CA GLU A 4 4.81 -9.16 -1.06
C GLU A 4 5.22 -7.76 -1.53
N CYS A 5 4.22 -6.94 -1.83
CA CYS A 5 4.47 -5.58 -2.30
C CYS A 5 4.93 -4.67 -1.15
N PRO A 6 6.19 -4.21 -1.18
CA PRO A 6 6.74 -3.35 -0.13
C PRO A 6 5.90 -2.11 0.13
N GLU A 7 6.45 -1.17 0.90
CA GLU A 7 5.75 0.06 1.22
C GLU A 7 5.57 0.93 -0.02
N GLY A 8 4.88 2.05 0.16
CA GLY A 8 4.63 2.96 -0.95
C GLY A 8 4.01 2.26 -2.14
N ARG A 9 3.39 1.11 -1.88
CA ARG A 9 2.77 0.30 -2.92
C ARG A 9 1.90 -0.78 -2.31
N ALA A 10 1.03 -1.39 -3.12
CA ALA A 10 0.19 -2.48 -2.62
C ALA A 10 -0.57 -3.16 -3.75
N TYR A 11 -1.38 -4.16 -3.39
CA TYR A 11 -2.15 -4.91 -4.37
C TYR A 11 -3.64 -4.57 -4.30
N SER A 12 -4.24 -4.34 -5.46
CA SER A 12 -5.65 -3.99 -5.55
C SER A 12 -6.44 -5.14 -6.17
N GLN A 13 -7.41 -5.66 -5.44
CA GLN A 13 -8.23 -6.76 -5.92
C GLN A 13 -9.06 -6.32 -7.13
N ASP A 14 -9.31 -5.02 -7.22
CA ASP A 14 -10.09 -4.47 -8.33
C ASP A 14 -9.41 -4.75 -9.65
N LEU A 15 -8.14 -4.36 -9.76
CA LEU A 15 -7.37 -4.58 -10.98
C LEU A 15 -6.83 -6.00 -11.05
N GLY A 16 -6.69 -6.63 -9.90
CA GLY A 16 -6.19 -7.99 -9.84
C GLY A 16 -4.69 -8.07 -10.11
N LYS A 17 -3.93 -7.22 -9.44
CA LYS A 17 -2.48 -7.20 -9.61
C LYS A 17 -1.84 -6.15 -8.69
N CYS A 18 -0.57 -6.37 -8.34
CA CYS A 18 0.16 -5.45 -7.48
C CYS A 18 0.40 -4.12 -8.20
N MET A 19 0.56 -3.06 -7.42
CA MET A 19 0.78 -1.73 -7.97
C MET A 19 1.54 -0.86 -6.97
N GLU A 20 1.53 0.46 -7.20
CA GLU A 20 2.23 1.39 -6.32
C GLU A 20 1.25 2.28 -5.56
N CYS A 21 1.70 2.76 -4.40
CA CYS A 21 0.87 3.64 -3.60
C CYS A 21 1.06 5.08 -4.04
N SER A 22 2.24 5.39 -4.59
CA SER A 22 2.51 6.72 -5.08
C SER A 22 1.48 7.08 -6.14
N VAL A 23 0.87 6.05 -6.73
CA VAL A 23 -0.15 6.23 -7.75
C VAL A 23 -1.43 6.80 -7.13
N CYS A 24 -1.62 6.52 -5.85
CA CYS A 24 -2.81 7.00 -5.13
C CYS A 24 -2.91 8.51 -5.20
N LYS A 25 -1.80 9.18 -4.94
CA LYS A 25 -1.76 10.65 -4.96
C LYS A 25 -1.93 11.17 -6.39
N ASN A 26 -1.46 10.39 -7.35
CA ASN A 26 -1.56 10.78 -8.76
C ASN A 26 -3.01 11.00 -9.17
N SER A 27 -3.74 9.90 -9.35
CA SER A 27 -5.14 9.98 -9.73
C SER A 27 -5.76 8.59 -9.80
N GLU A 28 -5.58 7.81 -8.74
CA GLU A 28 -6.11 6.46 -8.67
C GLU A 28 -6.22 5.99 -7.23
N LYS A 29 -7.27 6.44 -6.54
CA LYS A 29 -7.49 6.05 -5.15
C LYS A 29 -8.14 4.68 -5.06
N SER A 30 -7.35 3.64 -5.34
CA SER A 30 -7.85 2.27 -5.30
C SER A 30 -7.95 1.76 -3.86
N ASP A 31 -8.36 0.50 -3.71
CA ASP A 31 -8.51 -0.10 -2.40
C ASP A 31 -7.25 -0.85 -1.98
N PHE A 32 -6.11 -0.43 -2.51
CA PHE A 32 -4.84 -1.07 -2.17
C PHE A 32 -3.88 -0.12 -1.49
N CYS A 33 -4.17 1.16 -1.53
CA CYS A 33 -3.31 2.14 -0.87
C CYS A 33 -3.32 1.90 0.64
N GLN A 34 -4.05 0.88 1.07
CA GLN A 34 -4.13 0.55 2.48
C GLN A 34 -3.09 -0.50 2.84
N ASN A 35 -2.49 -1.10 1.82
CA ASN A 35 -1.48 -2.12 2.06
C ASN A 35 -0.08 -1.51 2.06
N CYS A 36 0.10 -0.46 1.27
CA CYS A 36 1.37 0.24 1.18
C CYS A 36 1.86 0.78 2.53
N PRO A 37 0.95 1.12 3.48
CA PRO A 37 1.35 1.63 4.79
C PRO A 37 1.71 0.51 5.75
N SER A 38 2.63 0.79 6.68
CA SER A 38 3.05 -0.20 7.66
C SER A 38 1.86 -0.68 8.49
N LYS A 39 2.13 -1.57 9.44
CA LYS A 39 1.07 -2.11 10.29
C LYS A 39 1.34 -1.76 11.76
N THR A 40 0.74 -0.66 12.20
CA THR A 40 0.91 -0.21 13.58
C THR A 40 -0.20 -0.77 14.47
N GLU A 41 -0.12 -2.07 14.76
CA GLU A 41 -1.13 -2.73 15.60
C GLU A 41 -0.79 -4.20 15.77
N GLN A 42 0.09 -4.50 16.72
CA GLN A 42 0.49 -5.88 16.98
C GLN A 42 -0.58 -6.62 17.79
N PRO A 43 -0.93 -7.86 17.36
CA PRO A 43 -1.94 -8.66 18.06
C PRO A 43 -1.42 -9.29 19.34
N ASP A 44 -1.03 -8.44 20.28
CA ASP A 44 -0.52 -8.90 21.57
C ASP A 44 0.77 -9.70 21.38
N PHE A 45 1.74 -9.10 20.69
CA PHE A 45 3.02 -9.74 20.44
C PHE A 45 4.18 -8.92 20.98
N PRO A 46 4.54 -9.12 22.26
CA PRO A 46 5.64 -8.38 22.90
C PRO A 46 7.01 -8.76 22.33
N TRP A 47 8.00 -7.91 22.57
CA TRP A 47 9.35 -8.16 22.09
C TRP A 47 10.11 -9.09 23.02
N ILE A 48 10.94 -9.95 22.45
CA ILE A 48 11.72 -10.89 23.22
C ILE A 48 12.91 -10.19 23.88
N TRP A 49 13.19 -10.56 25.13
CA TRP A 49 14.29 -9.98 25.87
C TRP A 49 14.61 -10.81 27.11
N VAL A 50 15.71 -11.55 27.05
CA VAL A 50 16.12 -12.40 28.16
C VAL A 50 17.63 -12.34 28.38
#